data_2WIV
#
_entry.id   2WIV
#
_cell.length_a   54.129
_cell.length_b   123.019
_cell.length_c   64.608
_cell.angle_alpha   90.00
_cell.angle_beta   98.54
_cell.angle_gamma   90.00
#
_symmetry.space_group_name_H-M   'P 1 21 1'
#
loop_
_entity.id
_entity.type
_entity.pdbx_description
1 polymer 'CYTOCHROME P450-LIKE PROTEIN XPLA'
2 non-polymer 'PROTOPORPHYRIN IX CONTAINING FE'
3 water water
#
_entity_poly.entity_id   1
_entity_poly.type   'polypeptide(L)'
_entity_poly.pdbx_seq_one_letter_code
;MTAASIDRELVPWSDPEFRNNPYPWYRRLQQDHPVHKLEDGTYLVSRYADVSHFAKLPIMSVEPGWADAGPWAVASDTAL
GSDPPHHTVLRRQTNKWFTPKLVDGWVRTTRELVGDLLDGVEAGQVIEARRDLAVVPTHVTMARVLQLPEDDADAVMEAM
FEAMLMQSAEPADGDVDRAAVAFGYLSARVAEMLEDKRVNPGDGLADSLLDAARAGEITESEAIATILVFYAVGHMAIGY
LIASGIELFARRPEVFTAFRNDESARAAIINEMVRMDPPQLSFLRFPTEDVEIGGVLIEAGSPIRFMIGAANRDPEVFDD
PDVFDHTRPPAASRNLSFGLGPHSCAGQIISRAEATTVFAVLAERYERIELAEEPTVAHNDFARRYRKLPIVLS
;
_entity_poly.pdbx_strand_id   A,B
#
loop_
_chem_comp.id
_chem_comp.type
_chem_comp.name
_chem_comp.formula
HEM non-polymer 'PROTOPORPHYRIN IX CONTAINING FE' 'C34 H32 Fe N4 O4'
#
# COMPACT_ATOMS: atom_id res chain seq x y z
N ALA A 4 -19.35 -25.29 5.10
CA ALA A 4 -17.96 -25.20 4.52
C ALA A 4 -18.14 -24.95 3.02
N SER A 5 -18.60 -25.98 2.29
CA SER A 5 -19.20 -25.73 0.97
C SER A 5 -20.59 -25.09 1.15
N ILE A 6 -21.25 -25.36 2.27
CA ILE A 6 -22.48 -24.59 2.58
C ILE A 6 -22.20 -23.07 2.72
N ASP A 7 -21.16 -22.70 3.49
CA ASP A 7 -20.75 -21.31 3.63
C ASP A 7 -20.51 -20.62 2.28
N ARG A 8 -19.79 -21.30 1.35
CA ARG A 8 -19.49 -20.74 0.00
C ARG A 8 -20.76 -20.46 -0.80
N GLU A 9 -21.83 -21.20 -0.50
CA GLU A 9 -23.06 -21.03 -1.26
C GLU A 9 -23.85 -19.83 -0.71
N LEU A 10 -23.88 -19.70 0.61
CA LEU A 10 -24.59 -18.61 1.25
C LEU A 10 -23.85 -17.29 1.15
N VAL A 11 -22.57 -17.31 1.49
CA VAL A 11 -21.83 -16.09 1.53
C VAL A 11 -20.45 -16.30 0.91
N PRO A 12 -20.34 -16.31 -0.41
CA PRO A 12 -19.04 -16.40 -1.07
C PRO A 12 -18.30 -15.06 -0.91
N TRP A 13 -17.75 -14.79 0.25
CA TRP A 13 -17.17 -13.47 0.49
C TRP A 13 -16.24 -12.91 -0.58
N SER A 14 -15.56 -13.78 -1.33
CA SER A 14 -14.55 -13.32 -2.30
C SER A 14 -15.06 -13.18 -3.68
N ASP A 15 -16.24 -13.74 -3.93
CA ASP A 15 -16.82 -13.69 -5.28
C ASP A 15 -17.02 -12.21 -5.75
N PRO A 16 -16.59 -11.87 -6.98
CA PRO A 16 -16.74 -10.50 -7.51
C PRO A 16 -18.22 -10.02 -7.60
N GLU A 17 -19.11 -10.89 -8.04
CA GLU A 17 -20.53 -10.54 -8.05
C GLU A 17 -21.11 -10.28 -6.64
N PHE A 18 -20.83 -11.17 -5.69
CA PHE A 18 -21.29 -10.98 -4.29
C PHE A 18 -20.76 -9.65 -3.73
N ARG A 19 -19.51 -9.34 -4.06
CA ARG A 19 -18.82 -8.12 -3.61
C ARG A 19 -19.47 -6.87 -4.22
N ASN A 20 -19.89 -6.98 -5.48
CA ASN A 20 -20.49 -5.84 -6.16
C ASN A 20 -21.90 -5.56 -5.63
N ASN A 21 -22.64 -6.64 -5.37
CA ASN A 21 -24.03 -6.55 -4.95
C ASN A 21 -24.41 -7.79 -4.17
N PRO A 22 -24.21 -7.79 -2.85
CA PRO A 22 -24.52 -9.02 -2.09
C PRO A 22 -26.00 -9.22 -1.79
N TYR A 23 -26.80 -8.21 -2.06
CA TYR A 23 -28.14 -8.18 -1.54
C TYR A 23 -29.08 -9.38 -1.91
N PRO A 24 -28.95 -9.91 -3.12
CA PRO A 24 -29.71 -11.13 -3.43
C PRO A 24 -29.25 -12.27 -2.53
N TRP A 25 -27.93 -12.41 -2.29
CA TRP A 25 -27.53 -13.49 -1.36
C TRP A 25 -28.06 -13.27 0.05
N TYR A 26 -28.02 -12.02 0.51
CA TYR A 26 -28.54 -11.68 1.84
C TYR A 26 -29.99 -12.17 2.04
N ARG A 27 -30.77 -12.17 0.98
CA ARG A 27 -32.16 -12.65 1.14
C ARG A 27 -32.22 -14.11 1.62
N ARG A 28 -31.47 -14.96 0.95
CA ARG A 28 -31.43 -16.37 1.31
C ARG A 28 -30.94 -16.54 2.74
N LEU A 29 -29.86 -15.82 3.08
CA LEU A 29 -29.35 -15.81 4.44
C LEU A 29 -30.41 -15.45 5.44
N GLN A 30 -31.05 -14.32 5.23
CA GLN A 30 -32.00 -13.84 6.19
C GLN A 30 -33.21 -14.76 6.29
N GLN A 31 -33.71 -15.21 5.15
CA GLN A 31 -34.88 -16.06 5.14
C GLN A 31 -34.63 -17.49 5.64
N ASP A 32 -33.55 -18.11 5.20
CA ASP A 32 -33.35 -19.52 5.44
C ASP A 32 -32.28 -19.82 6.48
N HIS A 33 -31.40 -18.87 6.71
CA HIS A 33 -30.30 -19.07 7.65
C HIS A 33 -30.07 -17.84 8.52
N PRO A 34 -31.10 -17.37 9.24
CA PRO A 34 -30.99 -16.07 9.93
C PRO A 34 -29.92 -15.96 11.04
N VAL A 35 -29.58 -17.10 11.63
CA VAL A 35 -28.47 -17.22 12.53
C VAL A 35 -27.64 -18.40 11.99
N HIS A 36 -26.62 -18.11 11.19
CA HIS A 36 -25.84 -19.14 10.51
C HIS A 36 -24.40 -19.25 11.10
N LYS A 37 -23.99 -20.45 11.55
CA LYS A 37 -22.64 -20.64 12.08
C LYS A 37 -21.74 -20.98 10.96
N LEU A 38 -20.77 -20.14 10.68
CA LEU A 38 -19.79 -20.50 9.66
C LEU A 38 -18.80 -21.57 10.16
N GLU A 39 -18.19 -22.22 9.20
CA GLU A 39 -17.00 -23.06 9.37
C GLU A 39 -16.10 -22.63 10.55
N ASP A 40 -15.69 -21.36 10.51
CA ASP A 40 -14.66 -20.88 11.40
C ASP A 40 -15.24 -20.51 12.74
N GLY A 41 -16.53 -20.74 12.98
CA GLY A 41 -17.10 -20.44 14.30
C GLY A 41 -17.90 -19.16 14.46
N THR A 42 -17.82 -18.27 13.46
CA THR A 42 -18.57 -16.98 13.51
C THR A 42 -20.01 -17.20 13.21
N TYR A 43 -20.91 -16.68 14.06
CA TYR A 43 -22.32 -16.67 13.68
C TYR A 43 -22.72 -15.38 12.93
N LEU A 44 -23.34 -15.54 11.76
CA LEU A 44 -23.96 -14.44 11.03
C LEU A 44 -25.39 -14.22 11.51
N VAL A 45 -25.68 -12.99 11.89
CA VAL A 45 -27.01 -12.63 12.40
C VAL A 45 -27.55 -11.55 11.44
N SER A 46 -28.60 -11.87 10.68
CA SER A 46 -29.02 -11.02 9.60
C SER A 46 -30.46 -10.50 9.70
N ARG A 47 -31.27 -10.96 10.66
CA ARG A 47 -32.64 -10.31 10.77
C ARG A 47 -32.56 -9.00 11.51
N TYR A 48 -33.33 -8.02 11.03
CA TYR A 48 -33.41 -6.72 11.69
C TYR A 48 -33.73 -6.85 13.15
N ALA A 49 -34.73 -7.65 13.47
CA ALA A 49 -35.15 -7.77 14.89
C ALA A 49 -34.00 -8.28 15.77
N ASP A 50 -33.29 -9.31 15.27
CA ASP A 50 -32.15 -9.90 16.00
C ASP A 50 -30.97 -8.95 16.01
N VAL A 51 -30.66 -8.30 14.88
CA VAL A 51 -29.57 -7.35 15.00
C VAL A 51 -29.92 -6.27 16.02
N SER A 52 -31.09 -5.66 15.87
CA SER A 52 -31.58 -4.61 16.75
C SER A 52 -31.57 -4.91 18.22
N HIS A 53 -32.11 -6.05 18.54
CA HIS A 53 -32.19 -6.43 19.94
C HIS A 53 -30.84 -6.86 20.47
N PHE A 54 -30.17 -7.75 19.77
CA PHE A 54 -28.98 -8.39 20.37
C PHE A 54 -27.66 -7.61 20.27
N ALA A 55 -27.44 -6.85 19.17
CA ALA A 55 -26.09 -6.32 18.93
C ALA A 55 -25.78 -5.30 20.08
N LYS A 56 -26.83 -4.62 20.61
CA LYS A 56 -26.68 -3.52 21.60
C LYS A 56 -26.57 -3.99 23.06
N LEU A 57 -26.75 -5.30 23.34
CA LEU A 57 -26.74 -5.80 24.73
C LEU A 57 -25.45 -5.55 25.46
N PRO A 58 -25.50 -5.22 26.78
CA PRO A 58 -24.26 -5.11 27.58
C PRO A 58 -23.36 -6.34 27.49
N ILE A 59 -23.92 -7.55 27.30
CA ILE A 59 -23.04 -8.73 27.19
C ILE A 59 -22.21 -8.72 25.87
N MET A 60 -22.53 -7.80 24.95
CA MET A 60 -21.81 -7.86 23.65
C MET A 60 -20.52 -7.07 23.77
N SER A 61 -19.41 -7.77 23.93
CA SER A 61 -18.10 -7.16 24.06
C SER A 61 -17.51 -6.77 22.68
N VAL A 62 -16.88 -5.60 22.66
CA VAL A 62 -16.09 -5.21 21.45
C VAL A 62 -14.57 -5.45 21.63
N GLU A 63 -14.23 -6.01 22.75
CA GLU A 63 -12.81 -6.13 23.13
C GLU A 63 -11.97 -7.17 22.38
N PRO A 64 -12.48 -8.41 22.26
CA PRO A 64 -11.54 -9.46 21.84
C PRO A 64 -11.12 -9.34 20.40
N GLY A 65 -12.00 -8.84 19.53
CA GLY A 65 -11.62 -8.88 18.10
C GLY A 65 -10.53 -7.85 17.79
N TRP A 66 -10.83 -6.59 18.04
CA TRP A 66 -9.79 -5.53 17.90
C TRP A 66 -8.47 -5.83 18.64
N ALA A 67 -8.51 -6.37 19.88
CA ALA A 67 -7.27 -6.73 20.61
C ALA A 67 -6.44 -7.75 19.82
N ASP A 68 -7.10 -8.54 18.97
CA ASP A 68 -6.37 -9.50 18.12
C ASP A 68 -6.09 -9.10 16.69
N ALA A 69 -6.29 -7.82 16.38
CA ALA A 69 -6.41 -7.39 15.02
C ALA A 69 -5.08 -6.94 14.40
N GLY A 70 -3.96 -7.25 15.07
CA GLY A 70 -2.62 -6.84 14.60
C GLY A 70 -2.57 -5.30 14.46
N PRO A 71 -2.27 -4.76 13.27
CA PRO A 71 -2.22 -3.31 12.96
C PRO A 71 -3.50 -2.62 13.44
N TRP A 72 -4.65 -3.27 13.25
CA TRP A 72 -5.93 -2.68 13.72
C TRP A 72 -6.18 -2.66 15.23
N ALA A 73 -5.29 -3.31 16.00
CA ALA A 73 -5.34 -3.23 17.49
C ALA A 73 -5.29 -1.79 18.03
N VAL A 74 -4.89 -0.84 17.19
CA VAL A 74 -4.97 0.56 17.57
CA VAL A 74 -4.96 0.56 17.57
C VAL A 74 -6.40 0.93 18.00
N ALA A 75 -7.40 0.29 17.38
CA ALA A 75 -8.78 0.49 17.74
C ALA A 75 -9.10 0.08 19.14
N SER A 76 -8.34 -0.89 19.71
CA SER A 76 -8.53 -1.23 21.14
C SER A 76 -8.35 -0.02 22.04
N ASP A 77 -7.61 0.99 21.59
CA ASP A 77 -7.41 2.18 22.46
C ASP A 77 -8.37 3.33 22.07
N THR A 78 -9.43 2.97 21.37
CA THR A 78 -10.54 3.92 21.14
C THR A 78 -11.86 3.35 21.59
N ALA A 79 -12.90 4.18 21.48
CA ALA A 79 -14.28 3.75 21.82
C ALA A 79 -14.67 2.48 21.04
N LEU A 80 -14.24 2.37 19.80
CA LEU A 80 -14.58 1.23 18.91
C LEU A 80 -14.21 -0.14 19.51
N GLY A 81 -13.09 -0.17 20.24
CA GLY A 81 -12.59 -1.44 20.83
C GLY A 81 -12.58 -1.47 22.34
N SER A 82 -13.42 -0.63 22.99
CA SER A 82 -13.39 -0.58 24.44
C SER A 82 -14.82 -0.72 24.95
N ASP A 83 -14.97 -1.58 25.96
CA ASP A 83 -16.27 -1.77 26.65
C ASP A 83 -16.58 -0.70 27.72
N PRO A 84 -17.88 -0.51 28.08
CA PRO A 84 -18.16 0.30 29.28
C PRO A 84 -17.49 -0.40 30.47
N PRO A 85 -17.19 0.32 31.58
CA PRO A 85 -17.52 1.72 31.81
C PRO A 85 -16.63 2.72 31.08
N HIS A 86 -15.38 2.34 30.74
CA HIS A 86 -14.43 3.30 30.17
C HIS A 86 -14.92 3.79 28.78
N HIS A 87 -15.61 2.93 28.03
CA HIS A 87 -16.23 3.36 26.79
C HIS A 87 -16.94 4.73 26.89
N THR A 88 -17.73 4.95 27.94
CA THR A 88 -18.53 6.14 28.08
C THR A 88 -17.65 7.39 28.18
N VAL A 89 -16.57 7.22 28.94
CA VAL A 89 -15.55 8.27 29.09
C VAL A 89 -14.80 8.58 27.77
N LEU A 90 -14.36 7.56 27.00
CA LEU A 90 -13.79 7.81 25.64
C LEU A 90 -14.75 8.51 24.73
N ARG A 91 -16.02 8.06 24.72
CA ARG A 91 -17.05 8.72 23.96
C ARG A 91 -17.32 10.14 24.45
N ARG A 92 -17.29 10.36 25.75
CA ARG A 92 -17.46 11.74 26.20
C ARG A 92 -16.43 12.68 25.56
N GLN A 93 -15.21 12.20 25.35
CA GLN A 93 -14.13 13.07 24.81
C GLN A 93 -14.44 13.62 23.45
N THR A 94 -15.19 12.88 22.64
CA THR A 94 -15.45 13.37 21.30
C THR A 94 -16.91 13.84 21.11
N ASN A 95 -17.87 13.19 21.79
CA ASN A 95 -19.29 13.60 21.63
C ASN A 95 -19.50 15.09 21.87
N LYS A 96 -18.84 15.67 22.89
CA LYS A 96 -19.01 17.07 23.25
C LYS A 96 -18.48 18.03 22.16
N TRP A 97 -17.67 17.50 21.22
CA TRP A 97 -17.21 18.23 20.02
C TRP A 97 -18.20 18.21 18.81
N PHE A 98 -19.23 17.36 18.89
CA PHE A 98 -20.10 17.06 17.73
C PHE A 98 -21.58 17.14 18.02
N THR A 99 -21.93 18.09 18.87
CA THR A 99 -23.31 18.50 19.07
C THR A 99 -23.81 19.23 17.82
N PRO A 100 -25.15 19.31 17.64
CA PRO A 100 -25.62 19.90 16.37
C PRO A 100 -25.10 21.32 16.16
N LYS A 101 -25.09 22.16 17.19
CA LYS A 101 -24.66 23.52 16.98
C LYS A 101 -23.17 23.54 16.65
N LEU A 102 -22.38 22.68 17.28
CA LEU A 102 -20.94 22.63 16.91
C LEU A 102 -20.75 22.16 15.45
N VAL A 103 -21.49 21.11 15.11
CA VAL A 103 -21.49 20.61 13.74
C VAL A 103 -21.91 21.62 12.72
N ASP A 104 -22.93 22.43 13.00
CA ASP A 104 -23.21 23.57 12.06
C ASP A 104 -21.96 24.37 11.71
N GLY A 105 -21.11 24.66 12.68
CA GLY A 105 -19.91 25.37 12.34
C GLY A 105 -18.86 24.55 11.61
N TRP A 106 -18.64 23.27 12.00
CA TRP A 106 -17.63 22.45 11.34
C TRP A 106 -17.95 22.32 9.82
N VAL A 107 -19.24 22.22 9.45
CA VAL A 107 -19.56 21.89 8.05
C VAL A 107 -19.50 23.12 7.13
N ARG A 108 -19.19 24.24 7.73
CA ARG A 108 -18.91 25.45 6.97
C ARG A 108 -17.71 25.15 6.07
N THR A 109 -16.73 24.42 6.59
CA THR A 109 -15.56 24.03 5.81
C THR A 109 -16.00 23.18 4.61
N THR A 110 -16.90 22.23 4.88
CA THR A 110 -17.42 21.37 3.84
C THR A 110 -18.04 22.18 2.71
N ARG A 111 -18.89 23.14 3.09
CA ARG A 111 -19.60 24.00 2.17
C ARG A 111 -18.58 24.84 1.37
N GLU A 112 -17.62 25.44 2.08
CA GLU A 112 -16.60 26.29 1.42
C GLU A 112 -15.80 25.57 0.32
N LEU A 113 -15.37 24.35 0.67
CA LEU A 113 -14.50 23.57 -0.21
C LEU A 113 -15.29 23.10 -1.41
N VAL A 114 -16.54 22.67 -1.18
CA VAL A 114 -17.40 22.26 -2.30
C VAL A 114 -17.66 23.48 -3.25
N GLY A 115 -18.00 24.62 -2.64
CA GLY A 115 -18.28 25.83 -3.42
C GLY A 115 -17.04 26.20 -4.22
N ASP A 116 -15.88 26.06 -3.58
CA ASP A 116 -14.62 26.43 -4.24
C ASP A 116 -14.40 25.55 -5.44
N LEU A 117 -14.62 24.29 -5.22
CA LEU A 117 -14.37 23.31 -6.32
C LEU A 117 -15.27 23.64 -7.51
N LEU A 118 -16.56 23.81 -7.20
CA LEU A 118 -17.54 24.03 -8.18
C LEU A 118 -17.33 25.40 -8.88
N ASP A 119 -16.83 26.39 -8.18
CA ASP A 119 -16.52 27.66 -8.83
C ASP A 119 -15.41 27.49 -9.88
N GLY A 120 -14.55 26.49 -9.69
CA GLY A 120 -13.35 26.35 -10.48
C GLY A 120 -13.60 25.69 -11.80
N VAL A 121 -14.79 25.14 -12.00
CA VAL A 121 -14.97 24.30 -13.17
C VAL A 121 -15.55 25.04 -14.39
N GLU A 122 -15.25 24.52 -15.57
CA GLU A 122 -15.75 25.11 -16.81
C GLU A 122 -17.04 24.38 -17.18
N ALA A 123 -17.90 25.04 -17.93
CA ALA A 123 -19.14 24.37 -18.22
C ALA A 123 -18.91 23.00 -18.95
N GLY A 124 -19.60 21.95 -18.48
CA GLY A 124 -19.44 20.62 -19.05
C GLY A 124 -18.19 19.83 -18.62
N GLN A 125 -17.34 20.40 -17.75
CA GLN A 125 -16.12 19.73 -17.35
C GLN A 125 -16.42 18.48 -16.52
N VAL A 126 -15.66 17.41 -16.77
CA VAL A 126 -15.72 16.15 -16.02
C VAL A 126 -15.13 16.36 -14.61
N ILE A 127 -15.93 16.07 -13.61
CA ILE A 127 -15.45 16.24 -12.24
C ILE A 127 -15.26 14.84 -11.63
N GLU A 128 -14.15 14.60 -10.93
CA GLU A 128 -13.93 13.31 -10.32
C GLU A 128 -14.55 13.47 -8.92
N ALA A 129 -15.85 13.12 -8.86
CA ALA A 129 -16.63 13.44 -7.64
C ALA A 129 -16.14 12.74 -6.37
N ARG A 130 -15.55 11.54 -6.49
CA ARG A 130 -15.15 10.86 -5.26
C ARG A 130 -14.03 11.59 -4.49
N ARG A 131 -12.94 11.94 -5.16
CA ARG A 131 -11.95 12.77 -4.51
C ARG A 131 -12.45 14.22 -4.23
N ASP A 132 -13.01 14.87 -5.24
CA ASP A 132 -13.15 16.30 -5.12
C ASP A 132 -14.40 16.81 -4.45
N LEU A 133 -15.46 16.02 -4.42
CA LEU A 133 -16.68 16.44 -3.71
C LEU A 133 -16.87 15.64 -2.44
N ALA A 134 -16.20 14.49 -2.31
CA ALA A 134 -16.50 13.56 -1.19
C ALA A 134 -15.29 13.49 -0.28
N VAL A 135 -14.18 12.94 -0.73
CA VAL A 135 -13.06 12.67 0.15
C VAL A 135 -12.41 13.94 0.70
N VAL A 136 -11.96 14.84 -0.19
CA VAL A 136 -11.17 15.96 0.28
C VAL A 136 -12.00 16.93 1.17
N PRO A 137 -13.20 17.30 0.72
CA PRO A 137 -14.00 18.14 1.63
C PRO A 137 -14.21 17.53 3.03
N THR A 138 -14.53 16.24 3.09
CA THR A 138 -14.74 15.64 4.43
C THR A 138 -13.43 15.43 5.21
N HIS A 139 -12.34 15.14 4.48
CA HIS A 139 -11.08 15.00 5.14
C HIS A 139 -10.68 16.33 5.79
N VAL A 140 -10.78 17.42 5.04
CA VAL A 140 -10.37 18.70 5.58
C VAL A 140 -11.29 19.23 6.68
N THR A 141 -12.58 18.96 6.52
CA THR A 141 -13.57 19.27 7.59
C THR A 141 -13.11 18.72 8.92
N MET A 142 -12.79 17.41 8.93
CA MET A 142 -12.35 16.77 10.18
C MET A 142 -11.00 17.24 10.62
N ALA A 143 -10.11 17.51 9.65
CA ALA A 143 -8.81 17.98 10.12
C ALA A 143 -8.89 19.35 10.81
N ARG A 144 -9.79 20.23 10.30
CA ARG A 144 -10.07 21.51 10.92
C ARG A 144 -10.66 21.36 12.28
N VAL A 145 -11.56 20.42 12.45
CA VAL A 145 -12.03 20.22 13.83
C VAL A 145 -10.91 19.81 14.76
N LEU A 146 -10.08 18.84 14.32
CA LEU A 146 -8.96 18.36 15.16
C LEU A 146 -7.90 19.44 15.41
N GLN A 147 -7.82 20.40 14.46
CA GLN A 147 -6.66 21.33 14.30
C GLN A 147 -5.39 20.56 13.96
N LEU A 148 -5.44 19.80 12.87
CA LEU A 148 -4.28 19.12 12.36
C LEU A 148 -4.09 19.61 10.92
N PRO A 149 -2.86 19.43 10.37
CA PRO A 149 -2.64 19.83 8.99
C PRO A 149 -3.63 19.10 8.09
N GLU A 150 -4.00 19.79 7.02
CA GLU A 150 -5.17 19.54 6.19
C GLU A 150 -4.80 18.95 4.88
N ASP A 151 -3.51 19.01 4.53
CA ASP A 151 -3.07 18.80 3.17
C ASP A 151 -2.72 17.36 2.78
N ASP A 152 -2.93 16.40 3.65
CA ASP A 152 -2.62 15.05 3.26
C ASP A 152 -3.73 14.10 2.80
N ALA A 153 -4.82 14.62 2.26
CA ALA A 153 -5.95 13.75 2.03
C ALA A 153 -5.57 12.56 1.16
N ASP A 154 -4.80 12.77 0.10
CA ASP A 154 -4.62 11.69 -0.86
C ASP A 154 -3.87 10.47 -0.29
N ALA A 155 -2.85 10.70 0.51
CA ALA A 155 -2.04 9.60 1.07
C ALA A 155 -2.83 9.05 2.21
N VAL A 156 -3.54 9.91 2.93
CA VAL A 156 -4.51 9.36 3.97
C VAL A 156 -5.54 8.34 3.46
N MET A 157 -6.16 8.72 2.37
CA MET A 157 -7.10 7.86 1.68
C MET A 157 -6.50 6.55 1.13
N GLU A 158 -5.33 6.63 0.47
CA GLU A 158 -4.59 5.41 0.06
C GLU A 158 -4.26 4.54 1.22
N ALA A 159 -3.79 5.12 2.34
CA ALA A 159 -3.49 4.34 3.49
C ALA A 159 -4.75 3.59 4.02
N MET A 160 -5.92 4.24 4.09
CA MET A 160 -7.08 3.57 4.65
C MET A 160 -7.57 2.51 3.69
N PHE A 161 -7.47 2.80 2.39
CA PHE A 161 -7.74 1.80 1.38
C PHE A 161 -6.95 0.52 1.65
N GLU A 162 -5.66 0.66 1.90
CA GLU A 162 -4.83 -0.50 2.23
C GLU A 162 -5.17 -1.09 3.59
N ALA A 163 -5.39 -0.25 4.63
CA ALA A 163 -5.68 -0.81 5.96
C ALA A 163 -6.98 -1.60 5.99
N MET A 164 -7.91 -1.28 5.08
CA MET A 164 -9.26 -1.89 5.13
C MET A 164 -9.32 -3.32 4.52
N LEU A 165 -8.31 -3.68 3.73
CA LEU A 165 -8.30 -4.98 3.03
C LEU A 165 -8.38 -6.10 4.04
N MET A 166 -7.77 -5.93 5.21
CA MET A 166 -7.74 -7.12 6.09
C MET A 166 -9.01 -7.22 6.90
N GLN A 167 -9.92 -6.28 6.68
CA GLN A 167 -11.21 -6.30 7.42
C GLN A 167 -12.20 -7.21 6.68
N SER A 168 -11.85 -7.68 5.50
CA SER A 168 -12.67 -8.64 4.78
C SER A 168 -12.76 -9.92 5.65
N ALA A 169 -13.84 -10.67 5.52
CA ALA A 169 -13.94 -11.96 6.16
C ALA A 169 -12.93 -12.95 5.55
N GLU A 170 -12.44 -12.67 4.34
CA GLU A 170 -11.42 -13.47 3.63
C GLU A 170 -10.28 -12.67 3.11
N PRO A 171 -9.36 -12.24 4.00
CA PRO A 171 -8.24 -11.43 3.55
C PRO A 171 -7.41 -12.20 2.54
N ALA A 172 -6.92 -11.56 1.49
CA ALA A 172 -5.86 -12.15 0.68
C ALA A 172 -4.51 -12.14 1.43
N ASP A 173 -3.65 -13.06 1.01
CA ASP A 173 -2.26 -13.09 1.43
C ASP A 173 -1.63 -11.72 1.35
N GLY A 174 -1.02 -11.32 2.46
CA GLY A 174 -0.34 -10.06 2.39
C GLY A 174 -1.18 -8.87 2.86
N ASP A 175 -2.48 -9.08 3.11
CA ASP A 175 -3.34 -7.92 3.40
C ASP A 175 -3.02 -7.43 4.79
N VAL A 176 -2.68 -8.31 5.72
CA VAL A 176 -2.25 -7.87 7.05
C VAL A 176 -0.96 -7.00 6.99
N ASP A 177 -0.05 -7.39 6.09
CA ASP A 177 1.20 -6.70 5.88
C ASP A 177 0.95 -5.35 5.29
N ARG A 178 0.06 -5.30 4.32
CA ARG A 178 -0.36 -4.01 3.80
C ARG A 178 -0.98 -3.08 4.86
N ALA A 179 -1.73 -3.65 5.81
CA ALA A 179 -2.30 -2.82 6.85
C ALA A 179 -1.22 -2.32 7.78
N ALA A 180 -0.23 -3.17 8.07
CA ALA A 180 0.91 -2.78 8.89
C ALA A 180 1.59 -1.58 8.25
N VAL A 181 1.74 -1.60 6.92
CA VAL A 181 2.36 -0.47 6.21
C VAL A 181 1.49 0.82 6.32
N ALA A 182 0.19 0.62 6.10
CA ALA A 182 -0.80 1.74 6.21
C ALA A 182 -0.76 2.42 7.60
N PHE A 183 -0.86 1.63 8.66
CA PHE A 183 -0.87 2.17 10.01
C PHE A 183 0.49 2.74 10.45
N GLY A 184 1.58 2.20 9.90
CA GLY A 184 2.88 2.81 10.07
C GLY A 184 2.91 4.22 9.50
N TYR A 185 2.39 4.38 8.31
CA TYR A 185 2.33 5.73 7.75
C TYR A 185 1.49 6.67 8.67
N LEU A 186 0.30 6.20 9.12
CA LEU A 186 -0.61 7.12 9.79
C LEU A 186 0.00 7.45 11.15
N SER A 187 0.65 6.46 11.79
CA SER A 187 1.35 6.69 13.04
C SER A 187 2.48 7.68 12.94
N ALA A 188 3.31 7.56 11.91
CA ALA A 188 4.39 8.49 11.64
C ALA A 188 3.79 9.89 11.44
N ARG A 189 2.76 10.00 10.60
CA ARG A 189 2.16 11.32 10.36
C ARG A 189 1.55 11.93 11.64
N VAL A 190 0.81 11.13 12.41
CA VAL A 190 0.23 11.63 13.62
C VAL A 190 1.33 12.03 14.62
N ALA A 191 2.37 11.19 14.78
CA ALA A 191 3.51 11.53 15.66
C ALA A 191 4.13 12.89 15.25
N GLU A 192 4.50 13.09 13.97
CA GLU A 192 4.98 14.38 13.51
C GLU A 192 4.00 15.56 13.87
N MET A 193 2.69 15.34 13.63
CA MET A 193 1.73 16.44 13.81
C MET A 193 1.56 16.79 15.27
N LEU A 194 1.60 15.78 16.14
CA LEU A 194 1.55 16.02 17.57
C LEU A 194 2.86 16.62 18.18
N GLU A 195 4.04 16.20 17.75
CA GLU A 195 5.25 16.97 18.11
C GLU A 195 5.11 18.46 17.74
N ASP A 196 4.66 18.74 16.52
CA ASP A 196 4.44 20.14 16.16
C ASP A 196 3.44 20.83 17.10
N LYS A 197 2.44 20.09 17.56
CA LYS A 197 1.38 20.63 18.39
C LYS A 197 1.87 20.82 19.82
N ARG A 198 2.90 20.06 20.25
CA ARG A 198 3.46 20.24 21.60
C ARG A 198 4.11 21.63 21.68
N VAL A 199 4.74 22.04 20.59
CA VAL A 199 5.47 23.29 20.46
C VAL A 199 4.56 24.42 20.02
N ASN A 200 3.49 24.07 19.32
CA ASN A 200 2.54 25.09 18.82
C ASN A 200 1.05 24.70 19.09
N PRO A 201 0.63 24.66 20.39
CA PRO A 201 -0.69 24.08 20.73
C PRO A 201 -1.82 24.86 20.16
N GLY A 202 -2.94 24.18 19.92
CA GLY A 202 -4.14 24.81 19.46
C GLY A 202 -5.24 24.59 20.49
N ASP A 203 -6.49 24.77 20.05
CA ASP A 203 -7.65 24.46 20.86
C ASP A 203 -8.67 23.66 20.00
N GLY A 204 -8.17 22.66 19.26
CA GLY A 204 -9.02 21.75 18.50
C GLY A 204 -9.22 20.46 19.28
N LEU A 205 -9.85 19.49 18.63
CA LEU A 205 -10.23 18.21 19.29
C LEU A 205 -8.94 17.44 19.64
N ALA A 206 -7.90 17.54 18.82
CA ALA A 206 -6.62 16.85 19.14
C ALA A 206 -6.00 17.45 20.42
N ASP A 207 -5.99 18.78 20.59
CA ASP A 207 -5.49 19.37 21.88
C ASP A 207 -6.36 18.93 23.05
N SER A 208 -7.67 18.85 22.84
CA SER A 208 -8.59 18.39 23.89
C SER A 208 -8.30 16.97 24.34
N LEU A 209 -8.01 16.07 23.39
CA LEU A 209 -7.71 14.67 23.69
C LEU A 209 -6.40 14.54 24.46
N LEU A 210 -5.38 15.26 24.01
CA LEU A 210 -4.10 15.27 24.75
C LEU A 210 -4.24 15.77 26.17
N ASP A 211 -5.06 16.78 26.37
CA ASP A 211 -5.29 17.31 27.71
C ASP A 211 -6.01 16.33 28.57
N ALA A 212 -6.88 15.57 27.94
CA ALA A 212 -7.65 14.56 28.72
C ALA A 212 -6.74 13.45 29.19
N ALA A 213 -5.72 13.14 28.40
CA ALA A 213 -4.77 12.12 28.80
C ALA A 213 -3.87 12.71 29.93
N ARG A 214 -3.39 13.93 29.74
CA ARG A 214 -2.62 14.56 30.87
C ARG A 214 -3.44 14.64 32.19
N ALA A 215 -4.75 14.88 32.08
CA ALA A 215 -5.67 14.93 33.21
C ALA A 215 -6.13 13.56 33.70
N GLY A 216 -5.67 12.47 33.10
CA GLY A 216 -5.99 11.15 33.68
C GLY A 216 -7.34 10.62 33.22
N GLU A 217 -8.03 11.35 32.36
CA GLU A 217 -9.38 10.89 31.95
C GLU A 217 -9.28 9.67 31.02
N ILE A 218 -8.32 9.69 30.15
CA ILE A 218 -8.10 8.57 29.27
C ILE A 218 -6.60 8.37 29.32
N THR A 219 -6.09 7.31 28.70
CA THR A 219 -4.64 7.13 28.68
C THR A 219 -4.02 7.91 27.54
N GLU A 220 -2.69 8.02 27.54
CA GLU A 220 -1.99 8.68 26.46
C GLU A 220 -2.27 7.93 25.12
N SER A 221 -2.10 6.63 25.16
CA SER A 221 -2.37 5.78 23.99
C SER A 221 -3.79 5.94 23.42
N GLU A 222 -4.79 6.07 24.30
CA GLU A 222 -6.14 6.27 23.91
C GLU A 222 -6.28 7.62 23.25
N ALA A 223 -5.68 8.68 23.81
CA ALA A 223 -5.74 10.01 23.13
C ALA A 223 -5.17 9.94 21.73
N ILE A 224 -4.01 9.30 21.60
CA ILE A 224 -3.31 9.32 20.34
C ILE A 224 -4.08 8.41 19.36
N ALA A 225 -4.60 7.29 19.86
CA ALA A 225 -5.36 6.34 18.95
C ALA A 225 -6.66 7.01 18.47
N THR A 226 -7.33 7.76 19.36
CA THR A 226 -8.60 8.45 19.02
C THR A 226 -8.31 9.52 17.96
N ILE A 227 -7.20 10.24 18.17
CA ILE A 227 -6.78 11.27 17.18
C ILE A 227 -6.58 10.63 15.82
N LEU A 228 -5.83 9.51 15.83
CA LEU A 228 -5.42 8.90 14.61
C LEU A 228 -6.62 8.39 13.84
N VAL A 229 -7.54 7.74 14.57
CA VAL A 229 -8.77 7.20 13.97
C VAL A 229 -9.68 8.25 13.39
N PHE A 230 -9.92 9.33 14.16
CA PHE A 230 -10.84 10.37 13.69
C PHE A 230 -10.14 11.05 12.48
N TYR A 231 -8.83 11.28 12.60
CA TYR A 231 -8.11 11.95 11.48
C TYR A 231 -8.16 11.06 10.17
N ALA A 232 -7.85 9.78 10.33
CA ALA A 232 -7.82 8.83 9.24
C ALA A 232 -9.16 8.51 8.61
N VAL A 233 -10.23 8.45 9.41
CA VAL A 233 -11.51 7.95 8.87
C VAL A 233 -12.46 9.13 8.61
N GLY A 234 -12.03 10.35 8.96
CA GLY A 234 -12.86 11.55 8.64
C GLY A 234 -13.43 11.62 7.20
N HIS A 235 -12.68 11.11 6.24
CA HIS A 235 -13.07 11.11 4.84
C HIS A 235 -13.77 9.81 4.42
N MET A 236 -13.76 8.75 5.23
CA MET A 236 -13.89 7.44 4.61
C MET A 236 -15.32 6.90 4.32
N ALA A 237 -16.03 6.46 5.38
CA ALA A 237 -17.42 5.97 5.22
C ALA A 237 -18.30 7.17 4.75
N ILE A 238 -18.03 8.37 5.27
CA ILE A 238 -18.81 9.56 4.81
C ILE A 238 -18.49 9.90 3.36
N GLY A 239 -17.20 9.77 2.96
CA GLY A 239 -16.86 9.90 1.53
C GLY A 239 -17.63 8.88 0.68
N TYR A 240 -17.79 7.66 1.18
CA TYR A 240 -18.57 6.68 0.40
C TYR A 240 -20.05 7.14 0.31
N LEU A 241 -20.67 7.55 1.41
CA LEU A 241 -22.14 7.90 1.37
C LEU A 241 -22.40 9.07 0.39
N ILE A 242 -21.52 10.04 0.45
CA ILE A 242 -21.61 11.21 -0.49
C ILE A 242 -21.55 10.78 -1.96
N ALA A 243 -20.56 9.94 -2.32
CA ALA A 243 -20.38 9.44 -3.68
C ALA A 243 -21.55 8.52 -4.08
N SER A 244 -21.97 7.65 -3.18
CA SER A 244 -23.16 6.82 -3.44
C SER A 244 -24.41 7.70 -3.75
N GLY A 245 -24.62 8.71 -2.95
CA GLY A 245 -25.76 9.64 -3.16
C GLY A 245 -25.63 10.43 -4.50
N ILE A 246 -24.45 10.92 -4.78
CA ILE A 246 -24.21 11.54 -6.09
C ILE A 246 -24.54 10.52 -7.22
N GLU A 247 -24.09 9.29 -7.12
CA GLU A 247 -24.38 8.37 -8.17
C GLU A 247 -25.89 8.17 -8.29
N LEU A 248 -26.55 8.11 -7.15
CA LEU A 248 -27.96 7.91 -7.10
C LEU A 248 -28.67 9.09 -7.74
N PHE A 249 -28.28 10.29 -7.35
CA PHE A 249 -28.84 11.54 -8.01
C PHE A 249 -28.68 11.45 -9.55
N ALA A 250 -27.57 10.86 -10.02
CA ALA A 250 -27.32 10.76 -11.45
C ALA A 250 -28.19 9.69 -12.13
N ARG A 251 -28.52 8.58 -11.46
CA ARG A 251 -29.17 7.47 -12.19
C ARG A 251 -30.66 7.63 -11.98
N ARG A 252 -31.02 8.34 -10.91
CA ARG A 252 -32.39 8.65 -10.58
C ARG A 252 -32.61 10.16 -10.43
N PRO A 253 -32.56 10.92 -11.55
CA PRO A 253 -32.61 12.37 -11.47
C PRO A 253 -33.85 12.90 -10.71
N GLU A 254 -34.97 12.15 -10.72
CA GLU A 254 -36.17 12.63 -9.97
C GLU A 254 -35.91 12.75 -8.45
N VAL A 255 -34.95 11.97 -7.95
CA VAL A 255 -34.51 12.06 -6.56
C VAL A 255 -33.74 13.37 -6.32
N PHE A 256 -32.79 13.72 -7.20
CA PHE A 256 -32.07 14.98 -7.07
C PHE A 256 -33.07 16.16 -7.17
N THR A 257 -34.03 16.07 -8.09
CA THR A 257 -35.07 17.11 -8.22
C THR A 257 -35.94 17.20 -6.97
N ALA A 258 -36.32 16.06 -6.40
CA ALA A 258 -37.02 16.12 -5.11
C ALA A 258 -36.17 16.83 -4.01
N PHE A 259 -34.86 16.54 -3.98
CA PHE A 259 -33.95 17.07 -2.98
C PHE A 259 -33.91 18.58 -3.19
N ARG A 260 -33.85 19.00 -4.44
CA ARG A 260 -33.86 20.42 -4.79
C ARG A 260 -35.19 21.05 -4.36
N ASN A 261 -36.29 20.42 -4.74
CA ASN A 261 -37.62 21.09 -4.58
C ASN A 261 -38.15 21.10 -3.19
N ASP A 262 -37.66 20.17 -2.35
CA ASP A 262 -38.28 19.93 -1.04
C ASP A 262 -37.26 19.83 0.09
N GLU A 263 -36.92 20.98 0.67
CA GLU A 263 -35.97 21.00 1.77
C GLU A 263 -36.41 20.02 2.86
N SER A 264 -37.73 19.95 3.13
CA SER A 264 -38.14 19.12 4.24
C SER A 264 -37.97 17.60 4.01
N ALA A 265 -37.70 17.19 2.76
CA ALA A 265 -37.46 15.81 2.36
C ALA A 265 -35.98 15.40 2.43
N ARG A 266 -35.13 16.40 2.62
CA ARG A 266 -33.69 16.15 2.50
C ARG A 266 -33.17 15.12 3.47
N ALA A 267 -33.47 15.29 4.76
CA ALA A 267 -33.01 14.35 5.76
C ALA A 267 -33.52 12.96 5.42
N ALA A 268 -34.78 12.86 4.97
CA ALA A 268 -35.36 11.54 4.57
C ALA A 268 -34.72 10.85 3.36
N ILE A 269 -34.31 11.68 2.36
CA ILE A 269 -33.66 11.17 1.19
C ILE A 269 -32.29 10.64 1.54
N ILE A 270 -31.54 11.37 2.39
CA ILE A 270 -30.19 10.97 2.75
C ILE A 270 -30.32 9.69 3.62
N ASN A 271 -31.32 9.70 4.52
CA ASN A 271 -31.50 8.49 5.30
C ASN A 271 -31.91 7.26 4.49
N GLU A 272 -32.70 7.43 3.45
CA GLU A 272 -32.91 6.29 2.50
C GLU A 272 -31.66 5.85 1.70
N MET A 273 -30.82 6.81 1.28
CA MET A 273 -29.53 6.44 0.69
C MET A 273 -28.73 5.58 1.66
N VAL A 274 -28.64 6.02 2.92
CA VAL A 274 -27.86 5.37 3.97
C VAL A 274 -28.44 3.93 4.20
N ARG A 275 -29.75 3.83 4.12
CA ARG A 275 -30.41 2.51 4.30
C ARG A 275 -30.00 1.58 3.15
N MET A 276 -30.05 2.08 1.95
CA MET A 276 -29.85 1.17 0.80
C MET A 276 -28.37 0.88 0.47
N ASP A 277 -27.49 1.74 0.98
CA ASP A 277 -26.11 1.47 0.63
C ASP A 277 -25.21 1.84 1.77
N PRO A 278 -25.36 1.13 2.92
CA PRO A 278 -24.41 1.26 4.02
C PRO A 278 -22.94 0.99 3.53
N PRO A 279 -22.00 1.83 3.96
CA PRO A 279 -20.60 1.63 3.52
C PRO A 279 -19.93 0.53 4.32
N GLN A 280 -20.46 0.26 5.53
CA GLN A 280 -19.96 -0.81 6.41
C GLN A 280 -21.06 -1.85 6.50
N LEU A 281 -20.74 -3.07 6.09
CA LEU A 281 -21.77 -4.09 5.87
C LEU A 281 -22.02 -4.98 7.10
N SER A 282 -21.09 -4.95 8.07
CA SER A 282 -21.24 -5.71 9.31
C SER A 282 -20.35 -5.18 10.39
N PHE A 283 -20.50 -5.74 11.59
CA PHE A 283 -19.55 -5.56 12.65
C PHE A 283 -19.62 -6.81 13.51
N LEU A 284 -18.60 -6.92 14.37
CA LEU A 284 -18.40 -8.07 15.26
C LEU A 284 -18.69 -7.76 16.70
N ARG A 285 -19.17 -8.78 17.40
CA ARG A 285 -19.31 -8.65 18.84
C ARG A 285 -18.93 -10.04 19.46
N PHE A 286 -18.54 -10.03 20.75
CA PHE A 286 -18.14 -11.28 21.43
C PHE A 286 -18.89 -11.39 22.72
N PRO A 287 -19.97 -12.18 22.73
CA PRO A 287 -20.79 -12.26 23.93
C PRO A 287 -19.95 -12.80 25.11
N THR A 288 -20.12 -12.16 26.26
CA THR A 288 -19.36 -12.49 27.47
C THR A 288 -20.13 -13.58 28.25
N GLU A 289 -21.32 -13.90 27.80
CA GLU A 289 -21.98 -15.11 28.28
C GLU A 289 -22.83 -15.73 27.16
N ASP A 290 -23.18 -17.00 27.31
CA ASP A 290 -24.01 -17.71 26.31
C ASP A 290 -25.24 -16.91 26.02
N VAL A 291 -25.67 -16.93 24.76
CA VAL A 291 -26.83 -16.17 24.39
C VAL A 291 -27.57 -16.96 23.31
N GLU A 292 -28.88 -17.01 23.43
CA GLU A 292 -29.67 -17.69 22.41
C GLU A 292 -30.26 -16.70 21.41
N ILE A 293 -29.98 -16.87 20.12
CA ILE A 293 -30.53 -16.01 19.07
C ILE A 293 -31.21 -16.87 17.99
N GLY A 294 -32.47 -16.57 17.67
CA GLY A 294 -33.17 -17.33 16.66
C GLY A 294 -33.11 -18.81 17.01
N GLY A 295 -33.16 -19.14 18.29
CA GLY A 295 -33.25 -20.53 18.70
C GLY A 295 -31.90 -21.19 18.66
N VAL A 296 -30.82 -20.44 18.40
CA VAL A 296 -29.48 -21.08 18.24
C VAL A 296 -28.66 -20.63 19.46
N LEU A 297 -28.09 -21.58 20.20
CA LEU A 297 -27.27 -21.19 21.36
C LEU A 297 -25.82 -20.85 20.97
N ILE A 298 -25.47 -19.57 21.17
CA ILE A 298 -24.18 -19.13 20.81
C ILE A 298 -23.38 -19.08 22.08
N GLU A 299 -22.25 -19.74 22.11
CA GLU A 299 -21.48 -19.75 23.37
C GLU A 299 -20.70 -18.51 23.62
N ALA A 300 -20.57 -18.15 24.90
CA ALA A 300 -19.72 -17.06 25.36
C ALA A 300 -18.42 -17.07 24.59
N GLY A 301 -17.94 -15.90 24.16
CA GLY A 301 -16.71 -15.83 23.36
C GLY A 301 -16.78 -16.10 21.86
N SER A 302 -17.88 -16.67 21.36
CA SER A 302 -17.96 -16.93 19.92
C SER A 302 -18.07 -15.56 19.15
N PRO A 303 -17.43 -15.44 17.97
CA PRO A 303 -17.70 -14.23 17.18
C PRO A 303 -19.10 -14.22 16.59
N ILE A 304 -19.79 -13.08 16.75
CA ILE A 304 -21.08 -12.84 16.12
C ILE A 304 -20.86 -11.64 15.13
N ARG A 305 -21.11 -11.90 13.85
CA ARG A 305 -21.04 -10.86 12.83
C ARG A 305 -22.46 -10.39 12.52
N PHE A 306 -22.77 -9.19 12.92
CA PHE A 306 -24.12 -8.68 12.73
C PHE A 306 -24.17 -8.04 11.34
N MET A 307 -25.13 -8.46 10.48
CA MET A 307 -25.09 -8.11 9.06
C MET A 307 -26.02 -6.90 8.79
N ILE A 308 -25.45 -5.69 8.83
CA ILE A 308 -26.16 -4.42 8.68
C ILE A 308 -26.89 -4.28 7.37
N GLY A 309 -26.16 -4.52 6.29
CA GLY A 309 -26.71 -4.45 4.96
C GLY A 309 -27.90 -5.40 4.84
N ALA A 310 -27.74 -6.64 5.27
CA ALA A 310 -28.83 -7.60 5.18
C ALA A 310 -30.05 -7.14 5.95
N ALA A 311 -29.85 -6.65 7.17
CA ALA A 311 -30.91 -6.22 8.04
C ALA A 311 -31.65 -5.01 7.48
N ASN A 312 -30.92 -4.13 6.76
CA ASN A 312 -31.54 -2.93 6.21
C ASN A 312 -32.49 -3.25 5.05
N ARG A 313 -32.47 -4.49 4.53
CA ARG A 313 -33.49 -4.87 3.55
C ARG A 313 -34.52 -5.87 4.12
N ASP A 314 -34.62 -5.96 5.45
CA ASP A 314 -35.54 -6.98 6.05
C ASP A 314 -36.99 -6.59 5.70
N PRO A 315 -37.65 -7.39 4.87
CA PRO A 315 -39.07 -7.12 4.53
C PRO A 315 -40.04 -7.20 5.73
N GLU A 316 -39.64 -7.82 6.82
CA GLU A 316 -40.43 -7.78 8.03
C GLU A 316 -40.45 -6.34 8.56
N VAL A 317 -39.52 -5.49 8.10
CA VAL A 317 -39.46 -4.11 8.60
C VAL A 317 -39.76 -3.13 7.47
N PHE A 318 -39.16 -3.37 6.29
CA PHE A 318 -39.26 -2.42 5.17
C PHE A 318 -40.01 -3.06 4.01
N ASP A 319 -41.25 -2.61 3.76
CA ASP A 319 -41.96 -3.05 2.57
C ASP A 319 -41.19 -2.66 1.29
N ASP A 320 -41.16 -3.55 0.30
CA ASP A 320 -40.45 -3.31 -0.97
C ASP A 320 -39.04 -2.82 -0.64
N PRO A 321 -38.27 -3.68 0.06
CA PRO A 321 -37.02 -3.20 0.63
C PRO A 321 -35.98 -2.83 -0.38
N ASP A 322 -36.14 -3.28 -1.63
CA ASP A 322 -35.14 -3.00 -2.64
C ASP A 322 -35.59 -1.78 -3.44
N VAL A 323 -36.66 -1.15 -3.00
CA VAL A 323 -37.15 0.08 -3.69
C VAL A 323 -36.69 1.33 -2.93
N PHE A 324 -36.08 2.26 -3.64
CA PHE A 324 -35.69 3.51 -3.00
C PHE A 324 -36.97 4.34 -2.77
N ASP A 325 -37.22 4.75 -1.54
CA ASP A 325 -38.47 5.47 -1.25
C ASP A 325 -38.24 6.29 -0.01
N HIS A 326 -38.05 7.60 -0.23
CA HIS A 326 -37.73 8.46 0.86
C HIS A 326 -38.98 8.83 1.66
N THR A 327 -40.14 8.31 1.28
CA THR A 327 -41.37 8.65 2.02
C THR A 327 -41.80 7.60 3.01
N ARG A 328 -40.95 6.62 3.23
CA ARG A 328 -41.23 5.63 4.27
C ARG A 328 -41.52 6.33 5.60
N PRO A 329 -42.50 5.81 6.34
CA PRO A 329 -42.99 6.56 7.49
C PRO A 329 -42.03 6.44 8.67
N PRO A 330 -42.12 7.37 9.66
CA PRO A 330 -41.24 7.39 10.82
C PRO A 330 -41.28 6.01 11.52
N ALA A 331 -42.44 5.41 11.57
CA ALA A 331 -42.52 4.05 12.13
C ALA A 331 -41.69 3.02 11.39
N ALA A 332 -41.24 3.27 10.14
CA ALA A 332 -40.46 2.27 9.36
C ALA A 332 -39.35 2.86 8.48
N SER A 333 -38.50 3.69 9.06
CA SER A 333 -37.49 4.39 8.36
C SER A 333 -36.21 4.45 9.20
N ARG A 334 -36.06 3.52 10.17
CA ARG A 334 -34.88 3.47 11.02
C ARG A 334 -33.92 2.42 10.52
N ASN A 335 -32.77 2.79 10.03
CA ASN A 335 -31.84 1.75 9.48
C ASN A 335 -30.66 1.53 10.44
N LEU A 336 -29.81 0.53 10.15
CA LEU A 336 -28.76 0.17 11.09
C LEU A 336 -27.37 0.58 10.59
N SER A 337 -27.35 1.46 9.58
CA SER A 337 -26.10 1.78 8.87
C SER A 337 -25.04 2.48 9.77
N PHE A 338 -25.52 3.18 10.79
CA PHE A 338 -24.63 3.79 11.77
C PHE A 338 -24.47 2.98 13.10
N GLY A 339 -24.87 1.72 13.05
CA GLY A 339 -24.85 0.86 14.26
C GLY A 339 -25.96 1.24 15.23
N LEU A 340 -25.85 0.76 16.45
CA LEU A 340 -26.87 0.96 17.48
C LEU A 340 -26.25 0.64 18.84
N GLY A 341 -26.91 1.09 19.91
CA GLY A 341 -26.43 0.84 21.26
C GLY A 341 -25.30 1.83 21.56
N PRO A 342 -24.50 1.52 22.59
CA PRO A 342 -23.45 2.47 23.01
C PRO A 342 -22.43 2.74 21.91
N HIS A 343 -22.19 1.78 21.03
CA HIS A 343 -21.19 2.00 19.93
C HIS A 343 -21.75 2.63 18.65
N SER A 344 -23.00 3.09 18.67
CA SER A 344 -23.45 3.69 17.44
C SER A 344 -22.53 4.84 17.05
N CYS A 345 -22.38 4.97 15.75
CA CYS A 345 -21.30 5.74 15.17
C CYS A 345 -20.98 7.09 15.84
N ALA A 346 -19.71 7.25 16.22
CA ALA A 346 -19.27 8.48 16.85
C ALA A 346 -19.20 9.66 15.85
N GLY A 347 -19.44 9.37 14.56
CA GLY A 347 -19.38 10.37 13.44
C GLY A 347 -20.74 10.69 12.84
N GLN A 348 -21.80 10.22 13.50
CA GLN A 348 -23.06 10.18 12.81
C GLN A 348 -23.64 11.61 12.55
N ILE A 349 -23.62 12.49 13.55
CA ILE A 349 -24.24 13.80 13.39
C ILE A 349 -23.41 14.61 12.33
N ILE A 350 -22.10 14.55 12.43
CA ILE A 350 -21.29 15.27 11.41
C ILE A 350 -21.38 14.64 10.03
N SER A 351 -21.46 13.34 9.96
CA SER A 351 -21.71 12.67 8.68
C SER A 351 -22.96 13.11 7.97
N ARG A 352 -24.13 13.03 8.63
CA ARG A 352 -25.36 13.46 8.00
C ARG A 352 -25.25 14.92 7.59
N ALA A 353 -24.65 15.77 8.44
CA ALA A 353 -24.59 17.18 8.10
C ALA A 353 -23.63 17.41 6.92
N GLU A 354 -22.51 16.62 6.85
CA GLU A 354 -21.63 16.80 5.68
C GLU A 354 -22.30 16.34 4.44
N ALA A 355 -23.01 15.21 4.51
CA ALA A 355 -23.66 14.76 3.26
C ALA A 355 -24.74 15.83 2.87
N THR A 356 -25.53 16.29 3.84
CA THR A 356 -26.55 17.30 3.53
C THR A 356 -25.88 18.54 2.84
N THR A 357 -24.77 19.02 3.38
CA THR A 357 -24.04 20.19 2.87
C THR A 357 -23.59 20.01 1.43
N VAL A 358 -22.96 18.89 1.12
CA VAL A 358 -22.48 18.67 -0.23
C VAL A 358 -23.64 18.57 -1.20
N PHE A 359 -24.67 17.82 -0.81
CA PHE A 359 -25.84 17.70 -1.69
C PHE A 359 -26.55 19.08 -1.84
N ALA A 360 -26.61 19.85 -0.75
CA ALA A 360 -27.24 21.14 -0.80
C ALA A 360 -26.53 22.10 -1.75
N VAL A 361 -25.19 22.19 -1.62
CA VAL A 361 -24.41 23.02 -2.54
C VAL A 361 -24.69 22.62 -3.98
N LEU A 362 -24.59 21.32 -4.27
CA LEU A 362 -24.95 20.85 -5.57
C LEU A 362 -26.33 21.30 -5.95
N ALA A 363 -27.31 21.12 -5.02
CA ALA A 363 -28.71 21.48 -5.31
C ALA A 363 -28.89 23.00 -5.60
N GLU A 364 -28.16 23.83 -4.86
CA GLU A 364 -28.10 25.26 -5.10
C GLU A 364 -27.66 25.68 -6.47
N ARG A 365 -26.77 24.90 -7.08
CA ARG A 365 -26.14 25.35 -8.29
C ARG A 365 -26.52 24.64 -9.53
N TYR A 366 -27.10 23.44 -9.42
CA TYR A 366 -27.36 22.64 -10.64
C TYR A 366 -28.73 22.01 -10.58
N GLU A 367 -29.22 21.60 -11.76
CA GLU A 367 -30.47 20.86 -11.83
C GLU A 367 -30.32 19.37 -12.10
N ARG A 368 -29.13 18.95 -12.53
CA ARG A 368 -28.96 17.64 -13.10
C ARG A 368 -27.54 17.18 -12.87
N ILE A 369 -27.41 15.92 -12.42
CA ILE A 369 -26.09 15.24 -12.33
C ILE A 369 -26.10 14.06 -13.32
N GLU A 370 -25.04 13.92 -14.10
CA GLU A 370 -24.87 12.75 -14.97
C GLU A 370 -23.53 12.04 -14.73
N LEU A 371 -23.50 10.75 -15.03
CA LEU A 371 -22.24 10.01 -14.98
C LEU A 371 -21.53 10.28 -16.27
N ALA A 372 -20.27 10.67 -16.22
CA ALA A 372 -19.48 10.80 -17.45
C ALA A 372 -19.02 9.42 -18.01
N GLU A 373 -18.97 8.40 -17.16
CA GLU A 373 -18.60 7.02 -17.55
C GLU A 373 -19.04 6.15 -16.36
N GLU A 374 -18.96 4.84 -16.51
CA GLU A 374 -19.30 3.96 -15.39
C GLU A 374 -18.36 4.25 -14.21
N PRO A 375 -18.89 4.31 -12.98
CA PRO A 375 -18.01 4.53 -11.80
C PRO A 375 -17.02 3.36 -11.63
N THR A 376 -15.88 3.61 -11.01
CA THR A 376 -14.92 2.55 -10.71
C THR A 376 -14.98 2.27 -9.22
N VAL A 377 -15.27 1.02 -8.86
CA VAL A 377 -15.51 0.66 -7.47
C VAL A 377 -14.50 -0.34 -7.00
N ALA A 378 -14.36 -0.51 -5.68
CA ALA A 378 -13.41 -1.50 -5.13
C ALA A 378 -14.01 -2.07 -3.84
N HIS A 379 -15.19 -2.61 -3.97
CA HIS A 379 -15.97 -3.14 -2.84
C HIS A 379 -15.39 -4.46 -2.36
N ASN A 380 -15.59 -4.74 -1.08
CA ASN A 380 -15.38 -6.13 -0.64
C ASN A 380 -16.54 -6.52 0.25
N ASP A 381 -16.47 -7.68 0.88
CA ASP A 381 -17.59 -8.14 1.70
C ASP A 381 -17.90 -7.30 2.91
N PHE A 382 -16.94 -6.48 3.33
CA PHE A 382 -17.00 -5.73 4.58
C PHE A 382 -17.38 -4.26 4.34
N ALA A 383 -16.72 -3.62 3.39
CA ALA A 383 -16.84 -2.19 3.15
C ALA A 383 -17.02 -1.94 1.64
N ARG A 384 -17.84 -0.93 1.33
CA ARG A 384 -18.07 -0.49 0.01
C ARG A 384 -17.08 0.60 -0.26
N ARG A 385 -16.70 0.73 -1.52
CA ARG A 385 -15.72 1.78 -1.83
C ARG A 385 -15.70 2.14 -3.30
N TYR A 386 -15.60 3.45 -3.58
CA TYR A 386 -15.44 3.94 -4.94
C TYR A 386 -13.97 4.18 -5.15
N ARG A 387 -13.48 3.95 -6.36
CA ARG A 387 -12.14 4.45 -6.77
C ARG A 387 -12.35 5.77 -7.55
N LYS A 388 -13.34 5.83 -8.42
CA LYS A 388 -13.59 7.06 -9.24
C LYS A 388 -15.03 7.21 -9.52
N LEU A 389 -15.53 8.43 -9.55
CA LEU A 389 -16.95 8.68 -9.88
C LEU A 389 -17.00 9.95 -10.77
N PRO A 390 -16.71 9.76 -12.08
CA PRO A 390 -16.73 10.94 -13.01
C PRO A 390 -18.13 11.39 -13.34
N ILE A 391 -18.38 12.68 -13.09
CA ILE A 391 -19.66 13.24 -13.38
C ILE A 391 -19.57 14.54 -14.18
N VAL A 392 -20.70 14.91 -14.77
CA VAL A 392 -20.87 16.22 -15.40
C VAL A 392 -22.14 16.85 -14.77
N LEU A 393 -22.07 18.13 -14.42
CA LEU A 393 -23.16 18.80 -13.76
C LEU A 393 -23.80 19.75 -14.77
N SER A 394 -25.13 19.87 -14.78
CA SER A 394 -25.79 20.84 -15.68
C SER A 394 -27.07 21.38 -15.04
N ALA B 4 5.10 11.05 -29.84
CA ALA B 4 4.18 10.45 -28.82
C ALA B 4 3.50 9.15 -29.32
N SER B 5 3.00 9.16 -30.56
CA SER B 5 2.60 7.94 -31.31
C SER B 5 3.85 7.10 -31.51
N ILE B 6 4.89 7.79 -32.01
CA ILE B 6 6.22 7.22 -32.12
C ILE B 6 6.68 6.59 -30.79
N ASP B 7 6.72 7.39 -29.73
CA ASP B 7 7.01 6.90 -28.35
C ASP B 7 6.28 5.57 -28.00
N ARG B 8 4.94 5.56 -28.07
CA ARG B 8 4.14 4.35 -27.73
C ARG B 8 4.51 3.12 -28.61
N GLU B 9 4.97 3.35 -29.82
CA GLU B 9 5.30 2.27 -30.71
C GLU B 9 6.64 1.63 -30.31
N LEU B 10 7.58 2.45 -29.83
CA LEU B 10 8.91 1.95 -29.47
C LEU B 10 8.95 1.38 -28.07
N VAL B 11 8.35 2.11 -27.13
CA VAL B 11 8.46 1.81 -25.73
C VAL B 11 7.12 2.01 -25.05
N PRO B 12 6.17 1.11 -25.35
CA PRO B 12 4.86 1.21 -24.69
C PRO B 12 4.97 0.83 -23.19
N TRP B 13 5.49 1.74 -22.34
CA TRP B 13 5.87 1.44 -20.92
C TRP B 13 4.82 0.66 -20.06
N SER B 14 3.55 1.03 -20.26
CA SER B 14 2.40 0.45 -19.58
C SER B 14 1.81 -0.78 -20.25
N ASP B 15 2.22 -1.11 -21.45
CA ASP B 15 1.68 -2.32 -22.08
C ASP B 15 2.05 -3.61 -21.28
N PRO B 16 1.06 -4.49 -20.98
CA PRO B 16 1.33 -5.79 -20.31
C PRO B 16 2.41 -6.69 -20.96
N GLU B 17 2.42 -6.81 -22.28
CA GLU B 17 3.37 -7.70 -22.95
C GLU B 17 4.80 -7.12 -22.86
N PHE B 18 4.87 -5.80 -22.97
CA PHE B 18 6.13 -5.07 -22.89
C PHE B 18 6.70 -5.18 -21.50
N ARG B 19 5.80 -5.15 -20.52
CA ARG B 19 6.12 -5.30 -19.12
C ARG B 19 6.66 -6.71 -18.83
N ASN B 20 6.00 -7.72 -19.42
CA ASN B 20 6.37 -9.09 -19.23
C ASN B 20 7.74 -9.36 -19.84
N ASN B 21 7.99 -8.76 -21.01
CA ASN B 21 9.22 -9.05 -21.73
C ASN B 21 9.48 -7.91 -22.73
N PRO B 22 10.25 -6.89 -22.31
CA PRO B 22 10.54 -5.74 -23.22
C PRO B 22 11.57 -6.06 -24.30
N TYR B 23 12.24 -7.20 -24.18
CA TYR B 23 13.44 -7.41 -25.01
C TYR B 23 13.21 -7.28 -26.52
N PRO B 24 12.06 -7.78 -27.04
CA PRO B 24 11.88 -7.59 -28.50
C PRO B 24 11.77 -6.11 -28.91
N TRP B 25 11.05 -5.30 -28.11
CA TRP B 25 11.01 -3.84 -28.33
C TRP B 25 12.40 -3.24 -28.19
N TYR B 26 13.17 -3.73 -27.20
CA TYR B 26 14.54 -3.16 -27.01
C TYR B 26 15.41 -3.37 -28.28
N ARG B 27 15.24 -4.52 -28.93
CA ARG B 27 16.02 -4.80 -30.13
C ARG B 27 15.81 -3.67 -31.14
N ARG B 28 14.54 -3.33 -31.36
CA ARG B 28 14.24 -2.32 -32.35
C ARG B 28 14.70 -0.89 -31.99
N LEU B 29 14.51 -0.55 -30.73
CA LEU B 29 14.95 0.72 -30.16
C LEU B 29 16.45 0.87 -30.33
N GLN B 30 17.17 -0.18 -29.95
CA GLN B 30 18.63 -0.17 -30.00
C GLN B 30 19.18 -0.10 -31.44
N GLN B 31 18.54 -0.81 -32.36
CA GLN B 31 18.97 -0.83 -33.76
C GLN B 31 18.58 0.47 -34.48
N ASP B 32 17.32 0.91 -34.37
CA ASP B 32 16.92 2.06 -35.19
C ASP B 32 16.99 3.39 -34.46
N HIS B 33 16.86 3.36 -33.14
CA HIS B 33 16.68 4.60 -32.39
C HIS B 33 17.54 4.64 -31.10
N PRO B 34 18.86 4.47 -31.23
CA PRO B 34 19.74 4.18 -30.12
C PRO B 34 19.85 5.35 -29.14
N VAL B 35 19.62 6.56 -29.63
CA VAL B 35 19.45 7.69 -28.77
C VAL B 35 18.10 8.32 -29.11
N HIS B 36 17.09 8.11 -28.27
CA HIS B 36 15.77 8.49 -28.69
C HIS B 36 15.08 9.45 -27.73
N LYS B 37 14.65 10.58 -28.29
CA LYS B 37 14.02 11.60 -27.47
C LYS B 37 12.56 11.41 -27.28
N LEU B 38 12.15 11.12 -26.06
CA LEU B 38 10.74 11.01 -25.78
C LEU B 38 10.03 12.38 -25.77
N GLU B 39 8.72 12.34 -25.96
CA GLU B 39 7.88 13.54 -25.86
C GLU B 39 8.16 14.39 -24.63
N ASP B 40 8.31 13.74 -23.46
CA ASP B 40 8.51 14.44 -22.20
C ASP B 40 9.92 14.96 -22.08
N GLY B 41 10.78 14.60 -23.02
CA GLY B 41 12.08 15.25 -23.02
C GLY B 41 13.21 14.31 -22.54
N THR B 42 12.84 13.12 -22.05
CA THR B 42 13.87 12.15 -21.66
C THR B 42 14.53 11.55 -22.87
N TYR B 43 15.85 11.46 -22.87
CA TYR B 43 16.57 10.72 -23.89
C TYR B 43 16.88 9.28 -23.41
N LEU B 44 16.44 8.29 -24.22
CA LEU B 44 16.73 6.85 -24.08
C LEU B 44 18.04 6.54 -24.77
N VAL B 45 18.99 5.94 -24.06
CA VAL B 45 20.32 5.64 -24.61
C VAL B 45 20.42 4.14 -24.37
N SER B 46 20.43 3.36 -25.46
CA SER B 46 20.29 1.92 -25.35
C SER B 46 21.49 1.08 -25.93
N ARG B 47 22.43 1.69 -26.66
CA ARG B 47 23.67 0.96 -27.04
C ARG B 47 24.62 0.66 -25.87
N TYR B 48 25.09 -0.58 -25.80
CA TYR B 48 26.13 -0.84 -24.81
C TYR B 48 27.31 0.18 -24.83
N ALA B 49 27.85 0.51 -26.01
CA ALA B 49 28.94 1.48 -26.12
C ALA B 49 28.60 2.81 -25.51
N ASP B 50 27.42 3.34 -25.86
CA ASP B 50 26.96 4.58 -25.23
C ASP B 50 26.71 4.54 -23.74
N VAL B 51 26.06 3.48 -23.24
CA VAL B 51 25.81 3.45 -21.82
C VAL B 51 27.12 3.36 -21.07
N SER B 52 27.96 2.42 -21.53
CA SER B 52 29.32 2.22 -20.99
C SER B 52 30.18 3.48 -20.82
N HIS B 53 30.24 4.26 -21.90
CA HIS B 53 31.13 5.37 -21.91
C HIS B 53 30.48 6.61 -21.19
N PHE B 54 29.23 6.90 -21.60
CA PHE B 54 28.53 8.12 -21.17
C PHE B 54 27.96 8.08 -19.77
N ALA B 55 27.40 6.93 -19.36
CA ALA B 55 26.66 7.01 -18.07
C ALA B 55 27.60 7.35 -16.89
N LYS B 56 28.87 6.93 -16.97
CA LYS B 56 29.79 7.02 -15.82
C LYS B 56 30.52 8.36 -15.70
N LEU B 57 30.39 9.20 -16.74
CA LEU B 57 31.03 10.51 -16.79
C LEU B 57 30.70 11.43 -15.63
N PRO B 58 31.72 12.20 -15.17
CA PRO B 58 31.54 13.10 -14.00
C PRO B 58 30.49 14.18 -14.24
N ILE B 59 30.26 14.58 -15.50
CA ILE B 59 29.14 15.52 -15.79
C ILE B 59 27.76 14.87 -15.54
N MET B 60 27.70 13.54 -15.43
CA MET B 60 26.37 12.88 -15.24
C MET B 60 25.96 13.01 -13.77
N SER B 61 25.06 13.95 -13.48
CA SER B 61 24.64 14.20 -12.12
C SER B 61 23.46 13.28 -11.75
N VAL B 62 23.42 12.91 -10.47
CA VAL B 62 22.28 12.17 -9.90
C VAL B 62 21.42 13.03 -8.97
N GLU B 63 21.67 14.33 -8.92
CA GLU B 63 20.98 15.15 -7.92
C GLU B 63 19.59 15.52 -8.32
N PRO B 64 19.38 16.02 -9.54
CA PRO B 64 18.06 16.59 -9.82
C PRO B 64 16.87 15.63 -9.69
N GLY B 65 16.99 14.38 -10.15
CA GLY B 65 15.83 13.53 -10.23
C GLY B 65 15.38 13.15 -8.82
N TRP B 66 16.30 12.60 -8.01
CA TRP B 66 15.92 12.24 -6.64
C TRP B 66 15.42 13.42 -5.82
N ALA B 67 16.05 14.60 -6.00
CA ALA B 67 15.69 15.82 -5.24
C ALA B 67 14.22 16.18 -5.45
N ASP B 68 13.74 15.90 -6.66
CA ASP B 68 12.34 16.18 -7.08
C ASP B 68 11.41 14.97 -6.93
N ALA B 69 11.87 13.89 -6.29
CA ALA B 69 11.13 12.63 -6.34
C ALA B 69 10.15 12.45 -5.16
N GLY B 70 9.82 13.54 -4.46
CA GLY B 70 8.77 13.46 -3.44
C GLY B 70 9.15 12.49 -2.33
N PRO B 71 8.33 11.46 -2.08
CA PRO B 71 8.73 10.50 -0.99
C PRO B 71 10.17 9.90 -1.21
N TRP B 72 10.55 9.72 -2.44
CA TRP B 72 11.85 9.12 -2.75
C TRP B 72 12.99 10.09 -2.65
N ALA B 73 12.69 11.33 -2.28
CA ALA B 73 13.72 12.35 -2.09
C ALA B 73 14.62 11.94 -0.89
N VAL B 74 14.18 10.95 -0.11
CA VAL B 74 15.07 10.42 0.91
C VAL B 74 16.39 9.94 0.20
N ALA B 75 16.33 9.49 -1.04
CA ALA B 75 17.57 9.06 -1.72
C ALA B 75 18.63 10.17 -1.85
N SER B 76 18.20 11.45 -1.89
CA SER B 76 19.14 12.59 -1.93
C SER B 76 20.01 12.62 -0.71
N ASP B 77 19.62 11.98 0.38
CA ASP B 77 20.51 11.94 1.46
C ASP B 77 21.33 10.65 1.52
N THR B 78 21.49 9.97 0.40
CA THR B 78 22.28 8.71 0.39
C THR B 78 23.19 8.82 -0.84
N ALA B 79 24.12 7.88 -1.01
CA ALA B 79 25.00 7.91 -2.20
C ALA B 79 24.20 7.93 -3.50
N LEU B 80 23.01 7.30 -3.49
CA LEU B 80 22.17 7.16 -4.73
C LEU B 80 21.79 8.52 -5.41
N GLY B 81 21.66 9.54 -4.56
CA GLY B 81 21.18 10.83 -4.93
C GLY B 81 22.17 11.94 -4.59
N SER B 82 23.47 11.59 -4.40
CA SER B 82 24.48 12.59 -4.08
C SER B 82 25.67 12.52 -5.07
N ASP B 83 26.02 13.66 -5.67
CA ASP B 83 27.25 13.76 -6.48
C ASP B 83 28.54 13.87 -5.61
N PRO B 84 29.71 13.47 -6.17
CA PRO B 84 31.00 13.75 -5.57
C PRO B 84 31.08 15.30 -5.43
N PRO B 85 31.83 15.84 -4.45
CA PRO B 85 32.80 15.07 -3.64
C PRO B 85 32.17 14.26 -2.53
N HIS B 86 31.02 14.69 -2.08
CA HIS B 86 30.55 14.14 -0.78
C HIS B 86 30.05 12.71 -1.00
N HIS B 87 29.66 12.39 -2.24
CA HIS B 87 29.32 10.99 -2.56
C HIS B 87 30.36 9.97 -2.07
N THR B 88 31.64 10.29 -2.24
CA THR B 88 32.74 9.40 -1.83
C THR B 88 32.70 9.15 -0.35
N VAL B 89 32.47 10.21 0.44
CA VAL B 89 32.31 10.05 1.86
C VAL B 89 31.12 9.17 2.23
N LEU B 90 29.97 9.42 1.62
CA LEU B 90 28.77 8.56 1.80
C LEU B 90 29.04 7.09 1.48
N ARG B 91 29.74 6.85 0.40
CA ARG B 91 30.06 5.48 -0.02
C ARG B 91 31.07 4.78 0.92
N ARG B 92 32.03 5.56 1.42
CA ARG B 92 33.06 5.09 2.35
C ARG B 92 32.36 4.40 3.53
N GLN B 93 31.27 5.01 3.95
CA GLN B 93 30.54 4.61 5.15
C GLN B 93 29.97 3.20 5.07
N THR B 94 29.53 2.78 3.88
CA THR B 94 29.04 1.41 3.71
C THR B 94 30.08 0.51 3.06
N ASN B 95 30.94 1.07 2.20
CA ASN B 95 31.95 0.25 1.52
C ASN B 95 32.82 -0.53 2.50
N LYS B 96 33.24 0.10 3.61
CA LYS B 96 34.13 -0.50 4.53
C LYS B 96 33.45 -1.73 5.20
N TRP B 97 32.13 -1.81 5.16
CA TRP B 97 31.42 -2.94 5.76
C TRP B 97 31.21 -4.09 4.76
N PHE B 98 31.41 -3.83 3.48
CA PHE B 98 31.04 -4.88 2.50
C PHE B 98 32.27 -5.28 1.66
N THR B 99 33.42 -5.38 2.30
CA THR B 99 34.62 -5.98 1.67
C THR B 99 34.46 -7.55 1.51
N PRO B 100 35.22 -8.21 0.61
CA PRO B 100 34.99 -9.67 0.46
C PRO B 100 35.02 -10.50 1.77
N LYS B 101 35.97 -10.21 2.67
CA LYS B 101 36.09 -11.04 3.87
C LYS B 101 34.93 -10.75 4.82
N LEU B 102 34.51 -9.48 4.89
CA LEU B 102 33.33 -9.15 5.71
C LEU B 102 32.08 -9.80 5.13
N VAL B 103 31.91 -9.71 3.82
CA VAL B 103 30.80 -10.40 3.16
C VAL B 103 30.76 -11.89 3.45
N ASP B 104 31.92 -12.56 3.32
CA ASP B 104 32.03 -13.97 3.76
C ASP B 104 31.35 -14.21 5.09
N GLY B 105 31.56 -13.33 6.06
CA GLY B 105 30.89 -13.42 7.37
C GLY B 105 29.36 -13.14 7.28
N TRP B 106 28.96 -12.09 6.55
CA TRP B 106 27.54 -11.74 6.45
C TRP B 106 26.70 -12.86 5.86
N VAL B 107 27.22 -13.55 4.85
CA VAL B 107 26.36 -14.54 4.18
C VAL B 107 26.20 -15.88 4.92
N ARG B 108 26.79 -15.94 6.09
CA ARG B 108 26.56 -17.07 7.02
C ARG B 108 25.06 -17.10 7.31
N THR B 109 24.49 -15.91 7.40
CA THR B 109 23.10 -15.75 7.77
C THR B 109 22.22 -16.33 6.67
N THR B 110 22.57 -16.01 5.43
CA THR B 110 21.84 -16.52 4.24
C THR B 110 21.85 -18.05 4.17
N ARG B 111 23.00 -18.64 4.41
CA ARG B 111 23.19 -20.07 4.37
C ARG B 111 22.39 -20.73 5.51
N GLU B 112 22.51 -20.18 6.71
CA GLU B 112 21.72 -20.59 7.88
C GLU B 112 20.23 -20.64 7.63
N LEU B 113 19.71 -19.53 7.09
CA LEU B 113 18.24 -19.45 6.92
C LEU B 113 17.75 -20.39 5.82
N VAL B 114 18.56 -20.54 4.78
CA VAL B 114 18.15 -21.41 3.63
C VAL B 114 18.14 -22.92 4.10
N GLY B 115 19.17 -23.26 4.84
CA GLY B 115 19.36 -24.61 5.43
C GLY B 115 18.22 -24.91 6.39
N ASP B 116 17.88 -23.95 7.26
CA ASP B 116 16.72 -24.12 8.17
C ASP B 116 15.42 -24.41 7.40
N LEU B 117 15.19 -23.63 6.35
CA LEU B 117 14.00 -23.80 5.51
C LEU B 117 14.00 -25.20 4.88
N LEU B 118 15.12 -25.58 4.27
CA LEU B 118 15.19 -26.86 3.56
C LEU B 118 15.11 -28.00 4.57
N ASP B 119 15.73 -27.85 5.75
CA ASP B 119 15.64 -28.89 6.80
C ASP B 119 14.17 -29.15 7.17
N GLY B 120 13.29 -28.14 7.04
CA GLY B 120 11.90 -28.19 7.58
C GLY B 120 10.85 -28.83 6.68
N VAL B 121 11.25 -29.20 5.48
CA VAL B 121 10.35 -29.58 4.42
C VAL B 121 10.27 -31.13 4.28
N GLU B 122 9.11 -31.63 3.85
CA GLU B 122 8.88 -33.04 3.51
C GLU B 122 9.14 -33.27 2.02
N ALA B 123 9.30 -34.56 1.66
CA ALA B 123 9.48 -34.98 0.24
C ALA B 123 8.41 -34.42 -0.65
N GLY B 124 8.83 -33.79 -1.76
CA GLY B 124 7.90 -33.26 -2.78
C GLY B 124 7.06 -32.10 -2.26
N GLN B 125 7.43 -31.54 -1.11
CA GLN B 125 6.63 -30.46 -0.57
C GLN B 125 6.95 -29.20 -1.39
N VAL B 126 5.90 -28.44 -1.67
CA VAL B 126 5.97 -27.24 -2.53
C VAL B 126 6.49 -26.09 -1.68
N ILE B 127 7.57 -25.48 -2.15
CA ILE B 127 8.23 -24.34 -1.46
C ILE B 127 7.90 -23.06 -2.27
N GLU B 128 7.42 -22.01 -1.61
CA GLU B 128 7.29 -20.65 -2.18
C GLU B 128 8.68 -19.98 -2.14
N ALA B 129 9.48 -20.27 -3.13
CA ALA B 129 10.87 -19.89 -3.17
C ALA B 129 11.04 -18.36 -3.10
N ARG B 130 10.07 -17.60 -3.59
CA ARG B 130 10.36 -16.17 -3.65
C ARG B 130 10.43 -15.57 -2.27
N ARG B 131 9.38 -15.77 -1.46
CA ARG B 131 9.47 -15.41 -0.06
C ARG B 131 10.58 -16.15 0.71
N ASP B 132 10.61 -17.48 0.60
CA ASP B 132 11.29 -18.30 1.65
C ASP B 132 12.72 -18.65 1.29
N LEU B 133 13.08 -18.55 0.00
CA LEU B 133 14.50 -18.75 -0.40
C LEU B 133 15.15 -17.43 -0.87
N ALA B 134 14.38 -16.40 -1.13
CA ALA B 134 14.92 -15.22 -1.81
C ALA B 134 14.76 -14.05 -0.85
N VAL B 135 13.51 -13.67 -0.56
CA VAL B 135 13.23 -12.47 0.20
C VAL B 135 13.64 -12.49 1.69
N VAL B 136 13.15 -13.48 2.45
CA VAL B 136 13.37 -13.50 3.86
C VAL B 136 14.89 -13.70 4.13
N PRO B 137 15.54 -14.74 3.47
CA PRO B 137 16.98 -14.81 3.77
C PRO B 137 17.83 -13.54 3.53
N THR B 138 17.58 -12.83 2.43
CA THR B 138 18.33 -11.56 2.13
C THR B 138 17.96 -10.41 3.04
N HIS B 139 16.65 -10.31 3.40
CA HIS B 139 16.23 -9.33 4.33
C HIS B 139 16.98 -9.47 5.62
N VAL B 140 16.92 -10.69 6.16
CA VAL B 140 17.49 -10.94 7.44
C VAL B 140 18.99 -10.80 7.38
N THR B 141 19.60 -11.29 6.30
CA THR B 141 21.05 -11.04 6.12
C THR B 141 21.43 -9.58 6.31
N MET B 142 20.72 -8.68 5.65
CA MET B 142 21.06 -7.25 5.73
C MET B 142 20.69 -6.72 7.10
N ALA B 143 19.55 -7.22 7.65
CA ALA B 143 19.21 -6.70 8.98
C ALA B 143 20.25 -7.02 10.03
N ARG B 144 20.90 -8.18 9.91
CA ARG B 144 21.94 -8.52 10.86
C ARG B 144 23.22 -7.75 10.60
N VAL B 145 23.50 -7.42 9.35
CA VAL B 145 24.67 -6.56 9.14
C VAL B 145 24.45 -5.20 9.84
N LEU B 146 23.25 -4.62 9.66
CA LEU B 146 22.98 -3.31 10.25
C LEU B 146 22.86 -3.41 11.76
N GLN B 147 22.44 -4.59 12.20
CA GLN B 147 22.07 -4.83 13.61
C GLN B 147 20.77 -4.13 13.95
N LEU B 148 19.75 -4.51 13.19
CA LEU B 148 18.43 -4.03 13.42
C LEU B 148 17.53 -5.25 13.52
N PRO B 149 16.34 -5.07 14.14
CA PRO B 149 15.36 -6.14 14.29
C PRO B 149 15.09 -6.75 12.91
N GLU B 150 15.04 -8.07 12.88
CA GLU B 150 15.00 -8.76 11.59
C GLU B 150 13.65 -9.39 11.25
N ASP B 151 12.64 -9.12 12.07
CA ASP B 151 11.32 -9.77 12.04
CA ASP B 151 11.41 -9.91 11.87
C ASP B 151 10.37 -9.28 10.95
N ASP B 152 10.76 -8.28 10.22
CA ASP B 152 9.78 -7.57 9.43
C ASP B 152 9.70 -7.72 7.95
N ALA B 153 10.29 -8.79 7.43
CA ALA B 153 10.54 -8.89 6.02
C ALA B 153 9.23 -8.67 5.28
N ASP B 154 8.11 -9.22 5.78
CA ASP B 154 6.88 -9.22 4.93
C ASP B 154 6.33 -7.77 4.74
N ALA B 155 6.35 -6.95 5.80
CA ALA B 155 5.76 -5.59 5.73
C ALA B 155 6.73 -4.76 4.95
N VAL B 156 8.02 -4.98 5.17
CA VAL B 156 9.07 -4.24 4.40
C VAL B 156 8.96 -4.50 2.88
N MET B 157 8.87 -5.76 2.52
CA MET B 157 8.65 -6.16 1.13
C MET B 157 7.42 -5.49 0.55
N GLU B 158 6.29 -5.51 1.30
CA GLU B 158 5.09 -4.84 0.79
C GLU B 158 5.34 -3.38 0.60
N ALA B 159 6.00 -2.71 1.58
CA ALA B 159 6.22 -1.29 1.50
C ALA B 159 7.04 -0.99 0.24
N MET B 160 8.09 -1.79 -0.04
CA MET B 160 8.94 -1.49 -1.18
C MET B 160 8.16 -1.85 -2.47
N PHE B 161 7.28 -2.82 -2.40
CA PHE B 161 6.46 -3.04 -3.60
C PHE B 161 5.68 -1.73 -3.91
N GLU B 162 5.04 -1.18 -2.87
CA GLU B 162 4.32 0.09 -3.03
C GLU B 162 5.22 1.27 -3.42
N ALA B 163 6.38 1.41 -2.76
CA ALA B 163 7.29 2.51 -3.05
C ALA B 163 7.77 2.51 -4.49
N MET B 164 7.84 1.33 -5.10
CA MET B 164 8.52 1.18 -6.40
C MET B 164 7.63 1.56 -7.61
N LEU B 165 6.32 1.64 -7.37
CA LEU B 165 5.35 1.88 -8.47
C LEU B 165 5.65 3.22 -9.15
N MET B 166 6.02 4.24 -8.38
CA MET B 166 6.21 5.56 -9.01
C MET B 166 7.58 5.72 -9.70
N GLN B 167 8.40 4.66 -9.64
CA GLN B 167 9.64 4.62 -10.42
C GLN B 167 9.44 4.27 -11.92
N SER B 168 8.26 3.75 -12.27
CA SER B 168 7.84 3.61 -13.66
C SER B 168 7.98 4.90 -14.49
N ALA B 169 8.31 4.76 -15.77
CA ALA B 169 8.26 5.91 -16.67
C ALA B 169 6.77 6.45 -16.80
N GLU B 170 5.79 5.64 -16.46
CA GLU B 170 4.38 6.05 -16.55
C GLU B 170 3.61 5.66 -15.32
N PRO B 171 3.83 6.34 -14.16
CA PRO B 171 3.17 5.91 -12.95
C PRO B 171 1.64 6.03 -13.09
N ALA B 172 0.87 5.19 -12.40
CA ALA B 172 -0.61 5.32 -12.38
C ALA B 172 -1.03 6.40 -11.42
N ASP B 173 -2.30 6.76 -11.52
CA ASP B 173 -2.89 7.74 -10.61
C ASP B 173 -2.71 7.24 -9.18
N GLY B 174 -2.18 8.08 -8.29
CA GLY B 174 -2.09 7.70 -6.86
C GLY B 174 -0.81 6.93 -6.49
N ASP B 175 0.05 6.58 -7.48
CA ASP B 175 1.34 5.91 -7.18
C ASP B 175 2.24 6.74 -6.24
N VAL B 176 2.33 8.03 -6.45
CA VAL B 176 3.14 8.85 -5.57
C VAL B 176 2.59 8.77 -4.17
N ASP B 177 1.25 8.75 -4.02
CA ASP B 177 0.61 8.68 -2.71
C ASP B 177 0.91 7.34 -2.02
N ARG B 178 0.82 6.25 -2.80
CA ARG B 178 1.21 4.91 -2.28
C ARG B 178 2.68 4.88 -1.84
N ALA B 179 3.59 5.61 -2.53
CA ALA B 179 4.97 5.69 -2.07
C ALA B 179 5.11 6.53 -0.80
N ALA B 180 4.30 7.57 -0.64
CA ALA B 180 4.36 8.33 0.60
C ALA B 180 3.97 7.44 1.77
N VAL B 181 2.95 6.60 1.57
CA VAL B 181 2.48 5.71 2.64
C VAL B 181 3.62 4.71 2.94
N ALA B 182 4.16 4.09 1.88
CA ALA B 182 5.34 3.19 2.04
C ALA B 182 6.50 3.80 2.85
N PHE B 183 7.03 4.96 2.42
CA PHE B 183 8.16 5.60 3.14
C PHE B 183 7.79 6.11 4.49
N GLY B 184 6.50 6.43 4.72
CA GLY B 184 6.11 6.85 6.04
C GLY B 184 6.19 5.63 6.95
N TYR B 185 5.74 4.48 6.47
CA TYR B 185 5.95 3.26 7.27
C TYR B 185 7.45 2.99 7.58
N LEU B 186 8.30 3.02 6.54
CA LEU B 186 9.74 2.75 6.71
C LEU B 186 10.38 3.76 7.68
N SER B 187 10.07 5.06 7.53
CA SER B 187 10.55 6.06 8.51
C SER B 187 10.08 5.78 9.93
N ALA B 188 8.80 5.43 10.14
CA ALA B 188 8.32 5.13 11.50
C ALA B 188 9.14 3.94 12.10
N ARG B 189 9.25 2.85 11.36
CA ARG B 189 10.04 1.68 11.83
C ARG B 189 11.50 2.02 12.13
N VAL B 190 12.17 2.68 11.20
CA VAL B 190 13.58 3.02 11.42
C VAL B 190 13.72 3.95 12.66
N ALA B 191 12.81 4.94 12.81
CA ALA B 191 12.86 5.83 13.98
C ALA B 191 12.74 5.02 15.29
N GLU B 192 11.77 4.11 15.36
CA GLU B 192 11.58 3.22 16.49
C GLU B 192 12.87 2.39 16.74
N MET B 193 13.41 1.77 15.67
CA MET B 193 14.69 1.00 15.79
C MET B 193 15.81 1.85 16.30
N LEU B 194 15.95 3.07 15.79
CA LEU B 194 17.13 3.85 16.18
C LEU B 194 16.97 4.38 17.59
N GLU B 195 15.73 4.67 18.00
CA GLU B 195 15.44 5.06 19.38
C GLU B 195 15.83 3.93 20.36
N ASP B 196 15.49 2.68 20.05
CA ASP B 196 16.00 1.52 20.82
C ASP B 196 17.53 1.46 20.79
N LYS B 197 18.13 1.86 19.68
CA LYS B 197 19.58 1.87 19.59
C LYS B 197 20.19 3.00 20.37
N ARG B 198 19.51 4.15 20.47
CA ARG B 198 20.04 5.28 21.25
C ARG B 198 20.26 4.68 22.64
N VAL B 199 19.20 4.10 23.18
CA VAL B 199 19.21 3.46 24.50
C VAL B 199 20.26 2.36 24.55
N ASN B 200 20.27 1.51 23.52
CA ASN B 200 20.95 0.23 23.56
C ASN B 200 21.96 -0.02 22.38
N PRO B 201 23.08 0.75 22.35
CA PRO B 201 23.89 0.79 21.11
C PRO B 201 24.40 -0.58 20.76
N GLY B 202 24.67 -0.82 19.49
CA GLY B 202 25.23 -2.12 19.06
C GLY B 202 26.52 -1.85 18.34
N ASP B 203 27.01 -2.82 17.59
CA ASP B 203 28.13 -2.50 16.75
C ASP B 203 28.00 -2.95 15.26
N GLY B 204 26.84 -2.71 14.64
CA GLY B 204 26.68 -3.09 13.23
C GLY B 204 26.72 -1.82 12.39
N LEU B 205 26.35 -1.94 11.12
CA LEU B 205 26.49 -0.83 10.20
C LEU B 205 25.61 0.34 10.62
N ALA B 206 24.42 0.08 11.20
CA ALA B 206 23.60 1.22 11.66
C ALA B 206 24.35 2.03 12.73
N ASP B 207 24.91 1.36 13.73
CA ASP B 207 25.72 2.08 14.72
C ASP B 207 26.89 2.83 14.02
N SER B 208 27.55 2.18 13.05
CA SER B 208 28.65 2.80 12.34
C SER B 208 28.23 4.13 11.64
N LEU B 209 27.06 4.08 11.01
CA LEU B 209 26.50 5.27 10.32
C LEU B 209 26.15 6.35 11.31
N LEU B 210 25.55 5.97 12.44
CA LEU B 210 25.28 6.93 13.52
C LEU B 210 26.58 7.54 14.14
N ASP B 211 27.58 6.71 14.43
CA ASP B 211 28.92 7.19 14.79
C ASP B 211 29.49 8.19 13.77
N ALA B 212 29.35 7.87 12.48
CA ALA B 212 29.82 8.82 11.44
C ALA B 212 29.14 10.20 11.48
N ALA B 213 27.81 10.22 11.71
CA ALA B 213 27.06 11.46 11.91
C ALA B 213 27.54 12.24 13.16
N ARG B 214 27.68 11.53 14.28
CA ARG B 214 28.19 12.12 15.54
C ARG B 214 29.59 12.71 15.34
N ALA B 215 30.43 12.06 14.51
CA ALA B 215 31.76 12.59 14.17
C ALA B 215 31.77 13.72 13.10
N GLY B 216 30.62 14.09 12.54
CA GLY B 216 30.57 15.17 11.56
C GLY B 216 31.01 14.77 10.15
N GLU B 217 31.16 13.46 9.89
CA GLU B 217 31.62 13.04 8.57
C GLU B 217 30.46 13.05 7.60
N ILE B 218 29.26 12.75 8.11
CA ILE B 218 28.05 12.92 7.35
C ILE B 218 27.00 13.60 8.26
N THR B 219 25.91 14.05 7.67
CA THR B 219 24.80 14.55 8.44
C THR B 219 24.00 13.42 9.12
N GLU B 220 23.29 13.80 10.19
CA GLU B 220 22.36 12.89 10.79
C GLU B 220 21.31 12.39 9.73
N SER B 221 20.76 13.27 8.88
CA SER B 221 19.80 12.87 7.83
C SER B 221 20.39 11.81 6.90
N GLU B 222 21.66 12.01 6.55
CA GLU B 222 22.41 11.06 5.77
C GLU B 222 22.56 9.73 6.48
N ALA B 223 22.93 9.74 7.75
CA ALA B 223 23.04 8.43 8.44
C ALA B 223 21.68 7.68 8.40
N ILE B 224 20.61 8.41 8.70
CA ILE B 224 19.32 7.79 8.82
C ILE B 224 18.81 7.33 7.47
N ALA B 225 18.97 8.20 6.46
CA ALA B 225 18.47 7.88 5.11
C ALA B 225 19.25 6.64 4.59
N THR B 226 20.56 6.56 4.92
CA THR B 226 21.40 5.44 4.44
C THR B 226 20.98 4.12 5.12
N ILE B 227 20.75 4.23 6.43
CA ILE B 227 20.28 3.06 7.21
C ILE B 227 18.95 2.58 6.56
N LEU B 228 18.04 3.53 6.27
CA LEU B 228 16.67 3.21 5.91
C LEU B 228 16.72 2.50 4.58
N VAL B 229 17.54 3.02 3.63
CA VAL B 229 17.56 2.46 2.30
C VAL B 229 18.20 1.06 2.32
N PHE B 230 19.32 0.93 2.99
CA PHE B 230 20.00 -0.42 3.05
C PHE B 230 19.04 -1.45 3.74
N TYR B 231 18.45 -1.02 4.83
CA TYR B 231 17.41 -1.90 5.50
C TYR B 231 16.26 -2.26 4.55
N ALA B 232 15.73 -1.26 3.83
CA ALA B 232 14.59 -1.51 2.94
C ALA B 232 14.88 -2.29 1.65
N VAL B 233 16.06 -2.11 1.03
CA VAL B 233 16.29 -2.75 -0.27
C VAL B 233 17.18 -4.00 -0.09
N GLY B 234 17.64 -4.24 1.14
CA GLY B 234 18.34 -5.51 1.51
C GLY B 234 17.75 -6.72 0.74
N HIS B 235 16.42 -6.82 0.63
CA HIS B 235 15.80 -8.01 0.08
C HIS B 235 15.47 -7.91 -1.39
N MET B 236 15.58 -6.70 -2.00
CA MET B 236 14.70 -6.44 -3.14
C MET B 236 15.26 -6.85 -4.49
N ALA B 237 16.30 -6.14 -4.97
CA ALA B 237 16.84 -6.53 -6.33
C ALA B 237 17.54 -7.91 -6.20
N ILE B 238 18.19 -8.10 -5.06
CA ILE B 238 18.82 -9.44 -4.79
C ILE B 238 17.77 -10.57 -4.67
N GLY B 239 16.64 -10.31 -3.99
CA GLY B 239 15.54 -11.25 -3.99
C GLY B 239 15.13 -11.60 -5.40
N TYR B 240 15.02 -10.59 -6.28
CA TYR B 240 14.68 -10.86 -7.67
C TYR B 240 15.71 -11.77 -8.38
N LEU B 241 17.00 -11.44 -8.30
CA LEU B 241 18.05 -12.24 -8.97
C LEU B 241 18.04 -13.70 -8.49
N ILE B 242 17.87 -13.89 -7.18
CA ILE B 242 17.81 -15.26 -6.60
C ILE B 242 16.60 -16.03 -7.20
N ALA B 243 15.41 -15.43 -7.11
CA ALA B 243 14.22 -16.03 -7.69
C ALA B 243 14.38 -16.30 -9.19
N SER B 244 14.93 -15.33 -9.91
CA SER B 244 15.06 -15.51 -11.34
C SER B 244 16.02 -16.71 -11.63
N GLY B 245 17.11 -16.80 -10.87
CA GLY B 245 18.11 -17.88 -11.09
C GLY B 245 17.53 -19.26 -10.76
N ILE B 246 16.69 -19.29 -9.73
CA ILE B 246 15.93 -20.48 -9.37
C ILE B 246 14.95 -20.84 -10.49
N GLU B 247 14.25 -19.87 -11.06
CA GLU B 247 13.38 -20.26 -12.22
C GLU B 247 14.22 -20.77 -13.41
N LEU B 248 15.32 -20.07 -13.69
CA LEU B 248 16.19 -20.53 -14.74
C LEU B 248 16.68 -21.98 -14.49
N PHE B 249 17.14 -22.29 -13.26
CA PHE B 249 17.52 -23.67 -12.87
C PHE B 249 16.44 -24.72 -13.15
N ALA B 250 15.19 -24.35 -12.83
CA ALA B 250 14.05 -25.23 -13.12
C ALA B 250 13.84 -25.44 -14.66
N ARG B 251 13.82 -24.35 -15.43
CA ARG B 251 13.50 -24.49 -16.83
C ARG B 251 14.71 -24.99 -17.61
N ARG B 252 15.91 -24.77 -17.12
CA ARG B 252 17.09 -25.30 -17.75
C ARG B 252 17.90 -26.13 -16.76
N PRO B 253 17.42 -27.34 -16.43
CA PRO B 253 18.13 -28.21 -15.44
C PRO B 253 19.65 -28.38 -15.69
N GLU B 254 20.10 -28.33 -16.94
CA GLU B 254 21.54 -28.52 -17.22
C GLU B 254 22.40 -27.38 -16.64
N VAL B 255 21.79 -26.21 -16.50
CA VAL B 255 22.46 -25.06 -15.90
C VAL B 255 22.64 -25.33 -14.45
N PHE B 256 21.62 -25.89 -13.80
CA PHE B 256 21.75 -26.26 -12.37
C PHE B 256 22.85 -27.36 -12.13
N THR B 257 22.85 -28.36 -13.01
CA THR B 257 23.85 -29.43 -12.96
C THR B 257 25.25 -28.87 -13.14
N ALA B 258 25.40 -27.89 -14.05
CA ALA B 258 26.69 -27.31 -14.27
C ALA B 258 27.11 -26.56 -13.00
N PHE B 259 26.14 -25.88 -12.36
CA PHE B 259 26.40 -25.13 -11.12
C PHE B 259 26.84 -26.10 -10.00
N ARG B 260 26.13 -27.22 -9.88
CA ARG B 260 26.46 -28.30 -8.91
C ARG B 260 27.85 -28.85 -9.10
N ASN B 261 28.20 -29.21 -10.34
CA ASN B 261 29.43 -30.00 -10.58
C ASN B 261 30.71 -29.18 -10.68
N ASP B 262 30.59 -27.88 -10.99
CA ASP B 262 31.71 -27.06 -11.41
C ASP B 262 31.77 -25.76 -10.61
N GLU B 263 32.43 -25.85 -9.47
CA GLU B 263 32.53 -24.74 -8.54
C GLU B 263 33.08 -23.53 -9.26
N SER B 264 34.07 -23.77 -10.10
CA SER B 264 34.73 -22.68 -10.79
C SER B 264 33.84 -22.03 -11.88
N ALA B 265 32.70 -22.64 -12.28
CA ALA B 265 31.70 -22.02 -13.20
C ALA B 265 30.63 -21.19 -12.45
N ARG B 266 30.61 -21.26 -11.11
CA ARG B 266 29.46 -20.65 -10.39
C ARG B 266 29.34 -19.15 -10.57
N ALA B 267 30.45 -18.43 -10.48
CA ALA B 267 30.39 -16.99 -10.64
C ALA B 267 30.01 -16.63 -12.06
N ALA B 268 30.48 -17.40 -13.07
CA ALA B 268 30.13 -17.05 -14.48
C ALA B 268 28.66 -17.29 -14.72
N ILE B 269 28.14 -18.33 -14.08
CA ILE B 269 26.73 -18.65 -14.20
C ILE B 269 25.86 -17.53 -13.60
N ILE B 270 26.15 -17.13 -12.37
CA ILE B 270 25.44 -16.03 -11.73
C ILE B 270 25.53 -14.77 -12.62
N ASN B 271 26.68 -14.58 -13.25
CA ASN B 271 26.90 -13.31 -13.92
C ASN B 271 26.13 -13.31 -15.22
N GLU B 272 26.04 -14.46 -15.85
CA GLU B 272 25.11 -14.58 -16.99
C GLU B 272 23.63 -14.41 -16.63
N MET B 273 23.17 -15.04 -15.55
CA MET B 273 21.83 -14.73 -15.03
C MET B 273 21.55 -13.21 -14.87
N VAL B 274 22.47 -12.50 -14.21
CA VAL B 274 22.38 -11.07 -13.95
C VAL B 274 22.37 -10.31 -15.32
N ARG B 275 23.07 -10.85 -16.33
CA ARG B 275 23.17 -10.10 -17.62
C ARG B 275 21.81 -10.23 -18.28
N MET B 276 21.25 -11.43 -18.20
CA MET B 276 20.01 -11.69 -18.97
C MET B 276 18.72 -11.23 -18.33
N ASP B 277 18.70 -11.11 -16.99
CA ASP B 277 17.50 -10.63 -16.33
C ASP B 277 17.83 -9.59 -15.20
N PRO B 278 18.43 -8.41 -15.60
CA PRO B 278 18.67 -7.39 -14.60
C PRO B 278 17.35 -6.98 -13.90
N PRO B 279 17.34 -6.87 -12.53
CA PRO B 279 16.09 -6.51 -11.83
C PRO B 279 15.73 -5.04 -12.07
N GLN B 280 16.73 -4.20 -12.34
CA GLN B 280 16.48 -2.81 -12.61
C GLN B 280 16.81 -2.51 -14.06
N LEU B 281 15.82 -1.98 -14.80
CA LEU B 281 15.95 -1.91 -16.25
C LEU B 281 16.66 -0.65 -16.76
N SER B 282 16.74 0.38 -15.92
CA SER B 282 17.38 1.59 -16.41
C SER B 282 17.72 2.44 -15.21
N PHE B 283 18.41 3.53 -15.44
CA PHE B 283 18.58 4.54 -14.45
C PHE B 283 18.71 5.91 -15.14
N LEU B 284 18.64 6.98 -14.33
CA LEU B 284 18.54 8.37 -14.87
C LEU B 284 19.77 9.16 -14.50
N ARG B 285 20.22 10.03 -15.43
CA ARG B 285 21.26 11.00 -15.11
C ARG B 285 20.88 12.35 -15.74
N PHE B 286 21.44 13.41 -15.18
CA PHE B 286 21.18 14.78 -15.70
C PHE B 286 22.53 15.45 -15.96
N PRO B 287 22.98 15.49 -17.23
CA PRO B 287 24.32 16.06 -17.58
C PRO B 287 24.44 17.52 -17.15
N THR B 288 25.57 17.90 -16.54
CA THR B 288 25.74 19.28 -16.09
C THR B 288 26.23 20.16 -17.26
N GLU B 289 26.38 19.59 -18.46
CA GLU B 289 26.74 20.38 -19.63
C GLU B 289 26.25 19.62 -20.86
N ASP B 290 26.14 20.34 -21.98
CA ASP B 290 25.70 19.70 -23.18
C ASP B 290 26.62 18.50 -23.47
N VAL B 291 26.04 17.47 -24.06
CA VAL B 291 26.84 16.33 -24.38
C VAL B 291 26.25 15.67 -25.63
N GLU B 292 27.12 15.22 -26.49
CA GLU B 292 26.64 14.63 -27.72
C GLU B 292 26.76 13.12 -27.63
N ILE B 293 25.66 12.41 -27.87
CA ILE B 293 25.71 10.95 -27.82
C ILE B 293 25.01 10.44 -29.07
N GLY B 294 25.53 9.43 -29.76
CA GLY B 294 24.80 8.93 -30.96
C GLY B 294 24.55 10.04 -32.01
N GLY B 295 25.42 11.04 -32.06
CA GLY B 295 25.21 12.14 -33.00
C GLY B 295 24.20 13.14 -32.48
N VAL B 296 23.46 12.81 -31.41
CA VAL B 296 22.42 13.67 -30.83
C VAL B 296 22.96 14.61 -29.69
N LEU B 297 22.79 15.92 -29.86
CA LEU B 297 23.16 16.90 -28.84
C LEU B 297 22.11 16.95 -27.70
N ILE B 298 22.50 16.49 -26.52
CA ILE B 298 21.63 16.55 -25.37
C ILE B 298 22.03 17.76 -24.53
N GLU B 299 21.04 18.59 -24.23
CA GLU B 299 21.23 19.83 -23.50
C GLU B 299 21.52 19.57 -21.99
N ALA B 300 22.39 20.39 -21.36
CA ALA B 300 22.61 20.31 -19.92
C ALA B 300 21.26 20.26 -19.24
N GLY B 301 21.15 19.39 -18.24
CA GLY B 301 19.93 19.34 -17.45
C GLY B 301 18.83 18.47 -18.01
N SER B 302 18.95 17.98 -19.25
CA SER B 302 17.90 17.06 -19.72
C SER B 302 18.00 15.67 -19.03
N PRO B 303 16.87 14.97 -18.79
CA PRO B 303 17.06 13.57 -18.25
C PRO B 303 17.57 12.60 -19.32
N ILE B 304 18.58 11.77 -18.93
CA ILE B 304 18.98 10.70 -19.79
C ILE B 304 18.65 9.40 -19.02
N ARG B 305 17.87 8.54 -19.67
CA ARG B 305 17.55 7.23 -19.16
C ARG B 305 18.41 6.20 -19.85
N PHE B 306 19.33 5.63 -19.09
CA PHE B 306 20.25 4.65 -19.66
C PHE B 306 19.63 3.27 -19.52
N MET B 307 19.37 2.65 -20.65
CA MET B 307 18.62 1.40 -20.65
C MET B 307 19.53 0.16 -20.42
N ILE B 308 19.65 -0.33 -19.17
CA ILE B 308 20.53 -1.46 -18.82
C ILE B 308 20.13 -2.73 -19.56
N GLY B 309 18.85 -3.04 -19.51
CA GLY B 309 18.40 -4.27 -20.11
C GLY B 309 18.72 -4.30 -21.58
N ALA B 310 18.43 -3.20 -22.27
CA ALA B 310 18.62 -3.14 -23.72
C ALA B 310 20.11 -3.35 -24.06
N ALA B 311 20.97 -2.65 -23.31
CA ALA B 311 22.41 -2.67 -23.51
C ALA B 311 22.99 -4.07 -23.26
N ASN B 312 22.42 -4.79 -22.28
CA ASN B 312 22.93 -6.12 -21.91
C ASN B 312 22.63 -7.16 -23.02
N ARG B 313 21.81 -6.78 -24.00
CA ARG B 313 21.64 -7.64 -25.16
C ARG B 313 22.26 -7.04 -26.41
N ASP B 314 23.12 -6.05 -26.26
CA ASP B 314 23.73 -5.42 -27.46
C ASP B 314 24.58 -6.44 -28.25
N PRO B 315 24.14 -6.81 -29.48
CA PRO B 315 24.94 -7.76 -30.29
C PRO B 315 26.29 -7.24 -30.78
N GLU B 316 26.55 -5.94 -30.76
CA GLU B 316 27.91 -5.45 -30.98
C GLU B 316 28.80 -5.93 -29.85
N VAL B 317 28.22 -6.36 -28.73
CA VAL B 317 29.05 -6.81 -27.59
C VAL B 317 28.87 -8.27 -27.20
N PHE B 318 27.62 -8.77 -27.24
CA PHE B 318 27.35 -10.14 -26.84
C PHE B 318 26.87 -10.95 -28.03
N ASP B 319 27.70 -11.87 -28.52
CA ASP B 319 27.26 -12.77 -29.60
C ASP B 319 26.05 -13.54 -29.11
N ASP B 320 25.03 -13.60 -29.96
CA ASP B 320 23.92 -14.45 -29.68
C ASP B 320 23.35 -14.00 -28.32
N PRO B 321 22.95 -12.71 -28.22
CA PRO B 321 22.75 -12.13 -26.86
C PRO B 321 21.52 -12.67 -26.15
N ASP B 322 20.61 -13.36 -26.85
CA ASP B 322 19.40 -13.84 -26.20
C ASP B 322 19.57 -15.26 -25.71
N VAL B 323 20.77 -15.78 -25.87
CA VAL B 323 21.08 -17.16 -25.43
C VAL B 323 21.84 -17.16 -24.16
N PHE B 324 21.37 -17.98 -23.23
CA PHE B 324 22.06 -18.13 -21.98
C PHE B 324 23.31 -18.96 -22.20
N ASP B 325 24.47 -18.40 -21.87
CA ASP B 325 25.72 -19.10 -22.05
C ASP B 325 26.72 -18.60 -21.00
N HIS B 326 26.97 -19.43 -20.00
CA HIS B 326 27.89 -19.01 -18.93
C HIS B 326 29.34 -19.14 -19.35
N THR B 327 29.63 -19.65 -20.55
CA THR B 327 31.04 -19.73 -20.95
C THR B 327 31.54 -18.57 -21.76
N ARG B 328 30.82 -17.45 -21.75
CA ARG B 328 31.27 -16.25 -22.52
C ARG B 328 32.66 -15.84 -22.03
N PRO B 329 33.51 -15.36 -22.95
CA PRO B 329 34.90 -15.14 -22.57
C PRO B 329 35.09 -13.93 -21.63
N PRO B 330 36.11 -13.98 -20.72
CA PRO B 330 36.57 -12.81 -19.96
C PRO B 330 36.45 -11.49 -20.77
N ALA B 331 36.93 -11.50 -22.02
CA ALA B 331 36.82 -10.34 -22.92
C ALA B 331 35.40 -9.85 -23.24
N ALA B 332 34.34 -10.65 -22.97
CA ALA B 332 32.98 -10.24 -23.37
C ALA B 332 31.86 -10.81 -22.45
N SER B 333 32.01 -10.54 -21.17
CA SER B 333 31.08 -11.09 -20.22
C SER B 333 30.83 -10.05 -19.13
N ARG B 334 31.08 -8.76 -19.43
CA ARG B 334 30.78 -7.66 -18.49
C ARG B 334 29.43 -6.96 -18.77
N ASN B 335 28.45 -7.18 -17.89
CA ASN B 335 27.13 -6.59 -18.04
C ASN B 335 26.99 -5.28 -17.26
N LEU B 336 25.90 -4.54 -17.53
CA LEU B 336 25.64 -3.28 -16.85
C LEU B 336 24.60 -3.39 -15.71
N SER B 337 24.29 -4.62 -15.29
CA SER B 337 23.18 -4.80 -14.37
C SER B 337 23.39 -4.18 -12.98
N PHE B 338 24.66 -4.02 -12.57
CA PHE B 338 24.97 -3.41 -11.25
C PHE B 338 25.44 -1.97 -11.49
N GLY B 339 25.16 -1.46 -12.69
CA GLY B 339 25.57 -0.07 -12.95
C GLY B 339 27.08 0.01 -13.24
N LEU B 340 27.64 1.23 -13.15
CA LEU B 340 29.04 1.49 -13.46
C LEU B 340 29.38 2.91 -12.96
N GLY B 341 30.66 3.19 -12.87
CA GLY B 341 31.05 4.53 -12.49
C GLY B 341 30.99 4.64 -10.98
N PRO B 342 30.99 5.86 -10.47
CA PRO B 342 31.03 6.01 -9.02
C PRO B 342 29.75 5.43 -8.37
N HIS B 343 28.61 5.44 -9.07
CA HIS B 343 27.34 4.93 -8.46
C HIS B 343 27.11 3.43 -8.71
N SER B 344 28.15 2.68 -9.15
CA SER B 344 27.91 1.21 -9.31
C SER B 344 27.52 0.67 -7.93
N CYS B 345 26.65 -0.30 -8.04
CA CYS B 345 25.87 -0.76 -6.88
C CYS B 345 26.66 -0.91 -5.59
N ALA B 346 26.18 -0.30 -4.49
CA ALA B 346 26.77 -0.46 -3.19
C ALA B 346 26.49 -1.81 -2.50
N GLY B 347 25.70 -2.66 -3.14
CA GLY B 347 25.45 -4.02 -2.60
C GLY B 347 25.92 -5.12 -3.59
N GLN B 348 26.80 -4.78 -4.54
CA GLN B 348 27.12 -5.78 -5.59
C GLN B 348 27.85 -7.02 -4.97
N ILE B 349 28.85 -6.77 -4.12
CA ILE B 349 29.67 -7.90 -3.56
C ILE B 349 28.76 -8.82 -2.69
N ILE B 350 27.99 -8.20 -1.79
CA ILE B 350 27.07 -9.01 -0.94
C ILE B 350 25.97 -9.67 -1.77
N SER B 351 25.44 -8.97 -2.75
CA SER B 351 24.44 -9.57 -3.67
C SER B 351 24.98 -10.79 -4.37
N ARG B 352 26.15 -10.70 -4.99
CA ARG B 352 26.70 -11.89 -5.67
C ARG B 352 26.91 -13.05 -4.69
N ALA B 353 27.37 -12.75 -3.52
CA ALA B 353 27.68 -13.76 -2.51
C ALA B 353 26.39 -14.36 -1.91
N GLU B 354 25.29 -13.57 -1.78
CA GLU B 354 24.02 -14.16 -1.37
C GLU B 354 23.44 -15.06 -2.46
N ALA B 355 23.50 -14.66 -3.73
CA ALA B 355 22.94 -15.52 -4.75
C ALA B 355 23.83 -16.80 -4.75
N THR B 356 25.15 -16.64 -4.59
CA THR B 356 26.04 -17.83 -4.59
C THR B 356 25.61 -18.76 -3.43
N THR B 357 25.44 -18.18 -2.26
CA THR B 357 25.09 -18.98 -1.08
C THR B 357 23.79 -19.76 -1.23
N VAL B 358 22.74 -19.07 -1.68
CA VAL B 358 21.45 -19.73 -1.77
C VAL B 358 21.50 -20.85 -2.77
N PHE B 359 22.05 -20.58 -3.94
CA PHE B 359 22.23 -21.59 -5.00
C PHE B 359 23.16 -22.76 -4.52
N ALA B 360 24.21 -22.46 -3.76
CA ALA B 360 25.16 -23.47 -3.30
C ALA B 360 24.51 -24.37 -2.26
N VAL B 361 23.64 -23.81 -1.40
CA VAL B 361 22.96 -24.66 -0.42
C VAL B 361 21.97 -25.59 -1.17
N LEU B 362 21.22 -25.04 -2.11
CA LEU B 362 20.35 -25.88 -2.93
C LEU B 362 21.15 -27.03 -3.61
N ALA B 363 22.33 -26.68 -4.19
CA ALA B 363 23.16 -27.63 -4.94
C ALA B 363 23.83 -28.72 -4.06
N GLU B 364 24.07 -28.38 -2.79
CA GLU B 364 24.61 -29.27 -1.80
C GLU B 364 23.61 -30.36 -1.46
N ARG B 365 22.33 -30.05 -1.60
CA ARG B 365 21.29 -30.96 -1.15
C ARG B 365 20.45 -31.58 -2.24
N TYR B 366 20.44 -30.94 -3.40
CA TYR B 366 19.52 -31.40 -4.44
C TYR B 366 20.19 -31.42 -5.78
N GLU B 367 19.60 -32.20 -6.67
CA GLU B 367 20.07 -32.41 -8.06
C GLU B 367 19.13 -31.78 -9.08
N ARG B 368 17.88 -31.53 -8.68
CA ARG B 368 16.88 -31.04 -9.58
C ARG B 368 15.97 -30.01 -8.89
N ILE B 369 15.67 -28.91 -9.60
CA ILE B 369 14.57 -27.96 -9.20
C ILE B 369 13.51 -28.01 -10.27
N GLU B 370 12.25 -28.12 -9.83
CA GLU B 370 11.11 -28.06 -10.76
C GLU B 370 10.12 -26.99 -10.35
N LEU B 371 9.44 -26.36 -11.33
CA LEU B 371 8.34 -25.46 -10.99
C LEU B 371 7.09 -26.21 -10.60
N ALA B 372 6.44 -25.81 -9.52
CA ALA B 372 5.19 -26.45 -9.09
C ALA B 372 3.92 -25.86 -9.71
N GLU B 373 3.99 -24.63 -10.22
CA GLU B 373 2.91 -24.04 -11.06
C GLU B 373 3.62 -22.95 -11.80
N GLU B 374 2.87 -22.19 -12.62
CA GLU B 374 3.44 -20.98 -13.31
C GLU B 374 3.84 -19.92 -12.29
N PRO B 375 5.08 -19.42 -12.38
CA PRO B 375 5.42 -18.31 -11.49
C PRO B 375 4.46 -17.13 -11.69
N THR B 376 4.20 -16.40 -10.61
CA THR B 376 3.43 -15.16 -10.64
C THR B 376 4.41 -13.95 -10.55
N VAL B 377 4.27 -13.03 -11.50
CA VAL B 377 5.14 -11.82 -11.57
C VAL B 377 4.34 -10.48 -11.46
N ALA B 378 5.06 -9.37 -11.21
CA ALA B 378 4.44 -8.03 -11.08
C ALA B 378 5.46 -7.03 -11.67
N HIS B 379 5.83 -7.30 -12.92
CA HIS B 379 6.90 -6.55 -13.57
C HIS B 379 6.37 -5.18 -14.03
N ASN B 380 7.19 -4.13 -13.94
CA ASN B 380 6.86 -2.93 -14.76
C ASN B 380 8.02 -2.58 -15.67
N ASP B 381 7.92 -1.44 -16.33
CA ASP B 381 8.96 -1.02 -17.27
C ASP B 381 10.29 -0.72 -16.59
N PHE B 382 10.26 -0.46 -15.30
CA PHE B 382 11.46 -0.05 -14.53
C PHE B 382 12.12 -1.23 -13.79
N ALA B 383 11.31 -2.01 -13.11
CA ALA B 383 11.88 -3.07 -12.28
C ALA B 383 11.19 -4.39 -12.56
N ARG B 384 11.95 -5.50 -12.58
CA ARG B 384 11.34 -6.84 -12.54
C ARG B 384 10.95 -7.22 -11.10
N ARG B 385 9.89 -8.02 -10.97
CA ARG B 385 9.49 -8.48 -9.67
C ARG B 385 8.71 -9.82 -9.72
N TYR B 386 8.98 -10.78 -8.79
CA TYR B 386 8.06 -11.90 -8.64
C TYR B 386 7.05 -11.63 -7.51
N ARG B 387 5.87 -12.24 -7.62
CA ARG B 387 4.99 -12.37 -6.47
C ARG B 387 5.15 -13.80 -5.86
N LYS B 388 5.17 -14.85 -6.68
CA LYS B 388 5.23 -16.25 -6.20
C LYS B 388 6.04 -17.13 -7.12
N LEU B 389 6.84 -18.05 -6.55
CA LEU B 389 7.66 -18.95 -7.34
C LEU B 389 7.60 -20.33 -6.65
N PRO B 390 6.45 -21.03 -6.81
CA PRO B 390 6.31 -22.38 -6.19
C PRO B 390 7.18 -23.38 -6.91
N ILE B 391 7.99 -24.08 -6.11
CA ILE B 391 8.92 -25.05 -6.62
C ILE B 391 8.87 -26.34 -5.80
N VAL B 392 9.36 -27.41 -6.40
CA VAL B 392 9.59 -28.71 -5.76
C VAL B 392 11.03 -29.09 -6.01
N LEU B 393 11.71 -29.57 -4.95
CA LEU B 393 13.13 -29.93 -5.01
C LEU B 393 13.33 -31.47 -5.02
N SER B 394 14.26 -31.99 -5.82
CA SER B 394 14.51 -33.45 -5.84
C SER B 394 15.97 -33.75 -6.09
CHA HEM C . -18.78 3.46 14.71
CHB HEM C . -20.71 3.49 10.35
CHC HEM C . -18.75 7.86 9.59
CHD HEM C . -16.14 7.42 13.57
C1A HEM C . -19.47 3.03 13.62
C2A HEM C . -20.34 1.86 13.45
C3A HEM C . -20.79 1.85 12.20
C4A HEM C . -20.36 3.10 11.61
CMA HEM C . -21.73 0.82 11.44
CAA HEM C . -20.50 0.77 14.53
CBA HEM C . -19.31 -0.17 14.53
CGA HEM C . -19.52 -1.22 15.64
O1A HEM C . -20.53 -1.11 16.41
O2A HEM C . -18.61 -2.09 15.81
C1B HEM C . -20.50 4.73 9.79
C2B HEM C . -21.15 5.39 8.63
C3B HEM C . -20.52 6.57 8.48
C4B HEM C . -19.49 6.71 9.49
CMB HEM C . -22.31 4.97 7.64
CAB HEM C . -20.73 7.71 7.45
CBB HEM C . -21.60 7.66 6.44
C1C HEM C . -17.82 8.19 10.57
C2C HEM C . -16.91 9.34 10.70
C3C HEM C . -16.23 9.18 11.82
C4C HEM C . -16.64 7.96 12.42
CMC HEM C . -16.80 10.63 9.82
CAC HEM C . -15.16 10.12 12.42
CBC HEM C . -15.68 10.72 13.45
C1D HEM C . -16.63 6.33 14.26
C2D HEM C . -16.17 5.91 15.59
C3D HEM C . -17.01 4.71 15.95
C4D HEM C . -17.88 4.49 14.80
CMD HEM C . -15.06 6.51 16.52
CAD HEM C . -16.92 3.88 17.26
CBD HEM C . -18.04 4.49 18.13
CGD HEM C . -18.13 3.67 19.43
O1D HEM C . -17.54 2.53 19.47
O2D HEM C . -18.70 4.16 20.41
NA HEM C . -19.53 3.75 12.51
NB HEM C . -19.52 5.54 10.28
NC HEM C . -17.59 7.39 11.61
ND HEM C . -17.63 5.46 13.83
FE HEM C . -18.73 5.69 12.12
CHA HEM D . 23.00 1.15 -6.99
CHB HEM D . 21.36 -2.80 -9.29
CHC HEM D . 21.26 -4.87 -4.93
CHD HEM D . 22.27 -0.79 -2.57
C1A HEM D . 22.59 0.27 -7.96
C2A HEM D . 22.50 0.54 -9.38
C3A HEM D . 22.02 -0.55 -10.00
C4A HEM D . 21.77 -1.53 -9.00
CMA HEM D . 21.80 -0.79 -11.49
CAA HEM D . 22.92 1.88 -10.09
CBA HEM D . 21.85 2.96 -9.84
CGA HEM D . 22.23 4.26 -10.54
O1A HEM D . 23.38 4.32 -11.11
O2A HEM D . 21.40 5.26 -10.51
C1B HEM D . 21.35 -3.76 -8.33
C2B HEM D . 21.21 -5.21 -8.51
C3B HEM D . 21.18 -5.73 -7.26
C4B HEM D . 21.24 -4.63 -6.29
CMB HEM D . 21.17 -6.05 -9.85
CAB HEM D . 21.06 -7.19 -6.84
CBB HEM D . 21.27 -8.25 -7.66
C1C HEM D . 21.56 -4.01 -3.89
C2C HEM D . 21.56 -4.27 -2.44
C3C HEM D . 21.87 -3.12 -1.84
C4C HEM D . 21.98 -2.10 -2.83
CMC HEM D . 21.39 -5.64 -1.68
CAC HEM D . 22.06 -2.81 -0.37
CBC HEM D . 21.06 -3.24 0.42
C1D HEM D . 22.56 0.13 -3.56
C2D HEM D . 22.92 1.48 -3.33
C3D HEM D . 23.16 2.07 -4.70
C4D HEM D . 22.89 1.00 -5.64
CMD HEM D . 23.06 2.23 -1.98
CAD HEM D . 23.61 3.51 -4.96
CBD HEM D . 25.15 3.46 -4.85
CGD HEM D . 25.76 4.83 -5.25
O1D HEM D . 27.00 5.03 -5.09
O2D HEM D . 25.04 5.75 -5.80
NA HEM D . 22.13 -0.99 -7.77
NB HEM D . 21.34 -3.41 -7.02
NC HEM D . 21.73 -2.67 -4.04
ND HEM D . 22.54 -0.16 -4.91
FE HEM D . 22.10 -1.91 -5.93
#